data_7EPU
#
_entry.id   7EPU
#
_cell.length_a   153.480
_cell.length_b   225.263
_cell.length_c   106.533
_cell.angle_alpha   90.000
_cell.angle_beta   90.000
_cell.angle_gamma   90.000
#
_symmetry.space_group_name_H-M   'C 2 2 21'
#
loop_
_entity.id
_entity.type
_entity.pdbx_description
1 polymer 'non-immunized human scFv'
2 polymer 'Chromodomain-helicase-DNA-binding protein 1-like'
3 non-polymer "ADENOSINE-5'-DIPHOSPHATE"
4 non-polymer 'MAGNESIUM ION'
#
loop_
_entity_poly.entity_id
_entity_poly.type
_entity_poly.pdbx_seq_one_letter_code
_entity_poly.pdbx_strand_id
1 'polypeptide(L)'
;ASQVQLQQSGPGLVRPSQTLSLTCAISGDSVSDNDAAWNWVRQSPSRGLEWLGRTYYRSKWSNEYAVFVQSRITINPDTS
KNQFSLHLNSVTPEDTAVYYCARATRPTGNGLDIWGQGTMVTVSSGILGSGGGGSGGGGSGGGGSSYVLTQPPSVSVAPG
QTARITCGGNNIGSKSVHWYQQKPGQAPVLVVYDDSDRPSGIPERFSGSNSGNTAALTISRVEAGDEADYYCQVWDSSSD
HVVFGGGTKLTVLSGILHHHHHH
;
A
2 'polypeptide(L)'
;MERAGATSRGGQAPGFLLRLHTEGRAEAARVQEQDLRQWGLTGIHLRSYQLEGVNWLAQRFHCQNGCILGDEMGLGKTCQ
TIALFIYLAGRLNDEGPFLILCPLSVLSNWKEEMQRFAPGLSCVTYAGDKEERACLQQDLKQESRFHVLLTTYEICLKDA
SFLKSFPWSVLVVDEAHRLKNQSSLLHKTLSEFSVVFSLLLTGTPIQNSLQELYSLLSFVEPDLFSKEEVGDFIQRYQDI
EKESESASELHKLLQPFLLRRVKAEVATELPKKTEVVIYHGMSALQKKYYKAILMKDLDAFENETAKKVKLQNILSQLRK
CVDHPYLFDGVEPEPFEVGDHLTEASGKLHLLDKLLAFLYSGGHRVLLFSQMTQMLDILQDYMDYRGYSYERVDGSVRGE
ERHLAIKNFGQQPIFVFLLSTRAGGVGMNLTAADTVIFVDSDFNPQNDLQAAARAHRIGQNKSVKVIRLIGRDTVEEIVY
RKAASKLQLTNMIIEGGHFTLGAQKPAADADLQLSEILKFGLDKLLASEGSTMDEIDLESILGETKDGQWVSDALPAAEG
GSRDQEEGKNHMYLFEGKDYSKEPSKEDRKSFEQLVNLQKTLLEKASQEGRSLRNKGSVLIPGLVEGSTKRKRVLSPEEL
EDRQKKRQEAAAKRRRLIEEKKRQKEEAEHKKKMAWWESNNYQSFCLPSEESEPEDLENGEESSAELDYQDPDATSLKYV
SGDVTHPQAGAEDALIVHCVDDSGHWGRGGLFTALEKRSAEPRKIYELAGKMKDLSLGGVLLFPVDDKESRNKGQDLLAL
IVAQHRDRSNVLSGIKMAALEEGLKKIFLAAKKKKASVHLPRIGHATKGFNWYGTERLIRKHLAARGIPTYIYYFPRSKS
;
B
#
# COMPACT_ATOMS: atom_id res chain seq x y z
N GLN A 3 6.93 6.23 -8.10
CA GLN A 3 7.12 4.94 -7.46
C GLN A 3 5.78 4.31 -7.06
N VAL A 4 5.72 2.99 -7.13
CA VAL A 4 4.56 2.22 -6.71
C VAL A 4 5.03 1.16 -5.73
N GLN A 5 4.12 0.69 -4.88
CA GLN A 5 4.42 -0.38 -3.95
C GLN A 5 3.68 -1.65 -4.34
N LEU A 6 4.39 -2.78 -4.29
CA LEU A 6 3.84 -4.10 -4.60
C LEU A 6 4.18 -5.00 -3.42
N GLN A 7 3.26 -5.13 -2.47
CA GLN A 7 3.49 -5.97 -1.31
C GLN A 7 2.88 -7.35 -1.55
N GLN A 8 3.32 -8.33 -0.78
CA GLN A 8 2.89 -9.70 -1.04
C GLN A 8 2.73 -10.46 0.26
N SER A 9 1.82 -11.42 0.25
CA SER A 9 1.48 -12.22 1.42
C SER A 9 1.17 -13.64 1.00
N GLY A 10 1.56 -14.59 1.84
CA GLY A 10 1.33 -15.99 1.60
C GLY A 10 2.11 -16.85 2.58
N PRO A 11 1.92 -18.18 2.49
CA PRO A 11 2.61 -19.09 3.41
C PRO A 11 4.05 -19.30 2.99
N GLY A 12 4.98 -19.05 3.91
CA GLY A 12 6.38 -19.31 3.64
C GLY A 12 6.79 -20.71 4.00
N LEU A 13 5.81 -21.63 4.07
CA LEU A 13 6.06 -23.01 4.48
C LEU A 13 4.92 -23.88 3.93
N VAL A 14 5.05 -24.22 2.64
CA VAL A 14 4.05 -25.02 1.94
C VAL A 14 4.53 -26.47 1.91
N ARG A 15 3.64 -27.39 2.25
CA ARG A 15 3.96 -28.81 2.25
C ARG A 15 4.04 -29.34 0.81
N PRO A 16 4.68 -30.50 0.62
CA PRO A 16 4.71 -31.10 -0.71
C PRO A 16 3.31 -31.50 -1.18
N SER A 17 3.15 -31.59 -2.50
CA SER A 17 1.91 -31.99 -3.14
C SER A 17 0.74 -31.09 -2.73
N GLN A 18 1.03 -29.82 -2.40
CA GLN A 18 0.02 -28.85 -2.06
C GLN A 18 -0.18 -27.88 -3.22
N THR A 19 -0.86 -26.77 -2.95
CA THR A 19 -1.04 -25.70 -3.91
C THR A 19 -0.47 -24.42 -3.31
N LEU A 20 0.66 -23.98 -3.84
CA LEU A 20 1.31 -22.75 -3.40
C LEU A 20 0.50 -21.56 -3.89
N SER A 21 -0.09 -20.81 -2.95
CA SER A 21 -0.84 -19.61 -3.25
C SER A 21 -0.12 -18.40 -2.67
N LEU A 22 -0.04 -17.33 -3.47
CA LEU A 22 0.70 -16.14 -3.07
C LEU A 22 0.02 -14.92 -3.68
N THR A 23 -0.42 -13.98 -2.83
CA THR A 23 -1.20 -12.84 -3.28
C THR A 23 -0.36 -11.57 -3.17
N CYS A 24 -0.22 -10.87 -4.28
CA CYS A 24 0.53 -9.61 -4.34
C CYS A 24 -0.46 -8.48 -4.56
N ALA A 25 -0.53 -7.58 -3.58
CA ALA A 25 -1.40 -6.41 -3.62
C ALA A 25 -0.61 -5.19 -4.08
N ILE A 26 -1.29 -4.33 -4.84
CA ILE A 26 -0.71 -3.16 -5.47
C ILE A 26 -1.23 -1.92 -4.75
N SER A 27 -0.32 -1.00 -4.44
CA SER A 27 -0.69 0.29 -3.84
C SER A 27 0.09 1.38 -4.55
N GLY A 28 -0.63 2.25 -5.24
CA GLY A 28 -0.02 3.29 -6.06
C GLY A 28 -0.34 3.17 -7.54
N ASP A 29 -1.02 2.13 -7.98
CA ASP A 29 -1.38 1.96 -9.38
C ASP A 29 -2.56 0.99 -9.47
N SER A 30 -3.24 1.03 -10.61
CA SER A 30 -4.39 0.18 -10.85
C SER A 30 -3.96 -1.17 -11.42
N VAL A 31 -4.78 -2.19 -11.16
CA VAL A 31 -4.48 -3.53 -11.67
C VAL A 31 -4.63 -3.57 -13.18
N SER A 32 -5.68 -2.95 -13.70
CA SER A 32 -5.97 -2.95 -15.14
C SER A 32 -5.24 -1.84 -15.89
N ASP A 33 -4.07 -1.43 -15.40
CA ASP A 33 -3.31 -0.38 -16.07
C ASP A 33 -2.98 -0.77 -17.50
N ASN A 34 -3.37 0.08 -18.45
CA ASN A 34 -3.18 -0.21 -19.86
C ASN A 34 -1.72 -0.24 -20.28
N ASP A 35 -0.80 0.25 -19.44
CA ASP A 35 0.62 0.24 -19.74
C ASP A 35 1.42 -0.64 -18.78
N ALA A 36 0.78 -1.63 -18.17
CA ALA A 36 1.43 -2.47 -17.18
C ALA A 36 1.06 -3.92 -17.38
N ALA A 37 1.99 -4.80 -17.02
CA ALA A 37 1.79 -6.25 -17.03
C ALA A 37 2.42 -6.82 -15.77
N TRP A 38 1.67 -7.61 -15.03
CA TRP A 38 2.08 -8.04 -13.70
C TRP A 38 2.64 -9.45 -13.77
N ASN A 39 3.90 -9.61 -13.36
CA ASN A 39 4.65 -10.85 -13.52
C ASN A 39 5.01 -11.44 -12.16
N TRP A 40 4.98 -12.77 -12.09
CA TRP A 40 5.51 -13.54 -10.97
C TRP A 40 6.81 -14.20 -11.41
N VAL A 41 7.85 -14.07 -10.58
CA VAL A 41 9.19 -14.58 -10.89
C VAL A 41 9.83 -15.13 -9.61
N ARG A 42 10.39 -16.33 -9.69
CA ARG A 42 11.04 -16.95 -8.54
C ARG A 42 12.56 -16.99 -8.73
N GLN A 43 13.26 -17.17 -7.60
CA GLN A 43 14.71 -17.16 -7.57
C GLN A 43 15.22 -18.19 -6.57
N SER A 44 16.28 -18.90 -6.95
CA SER A 44 16.90 -19.87 -6.05
C SER A 44 18.35 -20.07 -6.50
N PRO A 45 19.29 -20.23 -5.57
CA PRO A 45 20.69 -20.47 -5.98
C PRO A 45 20.87 -21.67 -6.90
N SER A 46 19.96 -22.63 -6.89
CA SER A 46 20.07 -23.82 -7.75
C SER A 46 19.49 -23.53 -9.12
N ARG A 47 18.17 -23.32 -9.19
CA ARG A 47 17.51 -23.10 -10.47
C ARG A 47 17.78 -21.73 -11.05
N GLY A 48 18.35 -20.81 -10.28
CA GLY A 48 18.70 -19.50 -10.80
C GLY A 48 17.67 -18.42 -10.53
N LEU A 49 17.18 -17.80 -11.61
CA LEU A 49 16.20 -16.72 -11.53
C LEU A 49 15.26 -16.87 -12.73
N GLU A 50 14.20 -17.66 -12.54
CA GLU A 50 13.32 -18.08 -13.61
C GLU A 50 12.04 -17.24 -13.63
N TRP A 51 11.54 -16.97 -14.83
CA TRP A 51 10.27 -16.27 -14.99
C TRP A 51 9.13 -17.28 -14.89
N LEU A 52 8.21 -17.04 -13.96
CA LEU A 52 7.10 -17.96 -13.74
C LEU A 52 5.91 -17.64 -14.64
N GLY A 53 5.39 -16.42 -14.56
CA GLY A 53 4.24 -16.11 -15.39
C GLY A 53 3.92 -14.64 -15.36
N ARG A 54 2.86 -14.26 -16.07
CA ARG A 54 2.43 -12.87 -16.09
C ARG A 54 0.99 -12.78 -16.57
N THR A 55 0.38 -11.64 -16.31
CA THR A 55 -0.96 -11.32 -16.78
C THR A 55 -1.02 -9.84 -17.16
N TYR A 56 -1.70 -9.54 -18.26
CA TYR A 56 -1.81 -8.16 -18.73
C TYR A 56 -3.22 -7.92 -19.27
N TYR A 57 -3.49 -6.64 -19.56
CA TYR A 57 -4.80 -6.20 -20.02
C TYR A 57 -4.60 -5.21 -21.17
N ARG A 58 -4.89 -5.64 -22.39
CA ARG A 58 -4.85 -4.80 -23.59
C ARG A 58 -6.18 -5.00 -24.31
N SER A 59 -7.24 -4.40 -23.75
CA SER A 59 -8.61 -4.54 -24.22
C SER A 59 -9.12 -5.96 -24.04
N LYS A 60 -8.27 -6.83 -23.49
CA LYS A 60 -8.64 -8.23 -23.23
C LYS A 60 -7.64 -8.80 -22.23
N TRP A 61 -8.15 -9.33 -21.13
CA TRP A 61 -7.29 -9.96 -20.12
C TRP A 61 -6.59 -11.17 -20.71
N SER A 62 -5.26 -11.15 -20.71
CA SER A 62 -4.46 -12.22 -21.28
C SER A 62 -3.42 -12.67 -20.27
N ASN A 63 -3.44 -13.96 -19.95
CA ASN A 63 -2.44 -14.57 -19.08
C ASN A 63 -1.43 -15.33 -19.94
N GLU A 64 -0.15 -15.17 -19.61
CA GLU A 64 0.93 -15.84 -20.32
C GLU A 64 1.82 -16.52 -19.31
N TYR A 65 1.90 -17.85 -19.39
CA TYR A 65 2.63 -18.67 -18.44
C TYR A 65 3.87 -19.27 -19.09
N ALA A 66 4.86 -19.58 -18.27
CA ALA A 66 6.07 -20.23 -18.74
C ALA A 66 5.81 -21.72 -18.94
N VAL A 67 6.55 -22.30 -19.90
CA VAL A 67 6.38 -23.71 -20.22
C VAL A 67 6.83 -24.59 -19.06
N PHE A 68 7.62 -24.05 -18.13
CA PHE A 68 8.10 -24.85 -17.00
C PHE A 68 6.94 -25.33 -16.13
N VAL A 69 5.91 -24.49 -15.97
CA VAL A 69 4.78 -24.81 -15.10
C VAL A 69 3.47 -24.52 -15.83
N GLN A 70 3.50 -24.56 -17.16
CA GLN A 70 2.31 -24.21 -17.94
C GLN A 70 1.13 -25.12 -17.63
N SER A 71 1.40 -26.34 -17.16
CA SER A 71 0.35 -27.30 -16.86
C SER A 71 -0.13 -27.24 -15.42
N ARG A 72 0.58 -26.53 -14.54
CA ARG A 72 0.25 -26.55 -13.11
C ARG A 72 0.32 -25.16 -12.48
N ILE A 73 -0.01 -24.12 -13.24
CA ILE A 73 0.04 -22.76 -12.72
C ILE A 73 -1.23 -22.02 -13.11
N THR A 74 -1.58 -21.02 -12.30
CA THR A 74 -2.75 -20.18 -12.57
C THR A 74 -2.53 -18.83 -11.89
N ILE A 75 -2.51 -17.77 -12.69
CA ILE A 75 -2.36 -16.40 -12.18
C ILE A 75 -3.66 -15.66 -12.45
N ASN A 76 -4.34 -15.25 -11.38
CA ASN A 76 -5.66 -14.65 -11.50
C ASN A 76 -5.67 -13.23 -10.97
N PRO A 77 -6.19 -12.27 -11.72
CA PRO A 77 -6.35 -10.90 -11.20
C PRO A 77 -7.55 -10.79 -10.26
N ASP A 78 -7.60 -9.67 -9.57
CA ASP A 78 -8.77 -9.30 -8.76
C ASP A 78 -8.86 -7.77 -8.78
N THR A 79 -9.81 -7.26 -9.58
CA THR A 79 -9.96 -5.82 -9.71
C THR A 79 -10.56 -5.21 -8.45
N SER A 80 -11.47 -5.93 -7.80
CA SER A 80 -12.10 -5.41 -6.59
C SER A 80 -11.08 -5.16 -5.49
N LYS A 81 -10.28 -6.18 -5.17
CA LYS A 81 -9.25 -6.03 -4.15
C LYS A 81 -7.98 -5.39 -4.68
N ASN A 82 -7.89 -5.16 -6.00
CA ASN A 82 -6.72 -4.55 -6.63
C ASN A 82 -5.46 -5.37 -6.33
N GLN A 83 -5.51 -6.65 -6.69
CA GLN A 83 -4.41 -7.56 -6.39
C GLN A 83 -4.31 -8.63 -7.46
N PHE A 84 -3.26 -9.45 -7.36
CA PHE A 84 -3.03 -10.56 -8.27
C PHE A 84 -2.57 -11.77 -7.47
N SER A 85 -3.14 -12.93 -7.76
CA SER A 85 -2.81 -14.15 -7.03
C SER A 85 -2.15 -15.16 -7.95
N LEU A 86 -1.12 -15.83 -7.42
CA LEU A 86 -0.41 -16.90 -8.09
C LEU A 86 -0.71 -18.23 -7.40
N HIS A 87 -0.98 -19.26 -8.19
CA HIS A 87 -1.29 -20.59 -7.68
C HIS A 87 -0.50 -21.63 -8.44
N LEU A 88 0.18 -22.50 -7.70
CA LEU A 88 1.03 -23.55 -8.26
C LEU A 88 0.56 -24.89 -7.71
N ASN A 89 0.36 -25.86 -8.60
CA ASN A 89 -0.27 -27.13 -8.25
C ASN A 89 0.77 -28.25 -8.16
N SER A 90 0.55 -29.16 -7.21
CA SER A 90 1.43 -30.31 -6.98
C SER A 90 2.89 -29.87 -6.84
N VAL A 91 3.10 -28.97 -5.86
CA VAL A 91 4.42 -28.38 -5.68
C VAL A 91 5.42 -29.45 -5.27
N THR A 92 6.56 -29.47 -5.94
CA THR A 92 7.66 -30.36 -5.65
C THR A 92 8.72 -29.63 -4.83
N PRO A 93 9.64 -30.36 -4.18
CA PRO A 93 10.74 -29.68 -3.48
C PRO A 93 11.63 -28.86 -4.40
N GLU A 94 11.50 -29.01 -5.72
CA GLU A 94 12.25 -28.18 -6.65
C GLU A 94 11.74 -26.74 -6.68
N ASP A 95 10.51 -26.51 -6.18
CA ASP A 95 9.92 -25.18 -6.18
C ASP A 95 10.30 -24.36 -4.96
N THR A 96 11.05 -24.93 -4.01
CA THR A 96 11.53 -24.19 -2.86
C THR A 96 12.41 -23.04 -3.30
N ALA A 97 11.94 -21.80 -3.12
CA ALA A 97 12.66 -20.66 -3.68
C ALA A 97 12.19 -19.39 -2.99
N VAL A 98 12.45 -18.24 -3.61
CA VAL A 98 11.97 -16.95 -3.14
C VAL A 98 11.22 -16.29 -4.29
N TYR A 99 9.96 -15.95 -4.06
CA TYR A 99 9.06 -15.48 -5.10
C TYR A 99 8.86 -13.97 -4.99
N TYR A 100 8.83 -13.31 -6.14
CA TYR A 100 8.63 -11.87 -6.25
C TYR A 100 7.55 -11.58 -7.28
N CYS A 101 6.88 -10.45 -7.10
CA CYS A 101 5.98 -9.89 -8.09
C CYS A 101 6.57 -8.58 -8.61
N ALA A 102 6.55 -8.41 -9.93
CA ALA A 102 7.10 -7.23 -10.58
C ALA A 102 6.10 -6.70 -11.60
N ARG A 103 6.34 -5.49 -12.08
CA ARG A 103 5.46 -4.82 -13.03
C ARG A 103 6.27 -4.37 -14.25
N ALA A 104 5.97 -4.97 -15.40
CA ALA A 104 6.53 -4.54 -16.66
C ALA A 104 5.73 -3.36 -17.19
N THR A 105 6.39 -2.21 -17.34
CA THR A 105 5.72 -0.96 -17.70
C THR A 105 6.15 -0.54 -19.10
N ARG A 106 5.18 -0.33 -19.98
CA ARG A 106 5.47 0.04 -21.36
C ARG A 106 6.31 1.32 -21.49
N PRO A 107 6.04 2.41 -20.75
CA PRO A 107 6.93 3.58 -20.83
C PRO A 107 8.37 3.29 -20.53
N THR A 108 8.68 2.17 -19.85
CA THR A 108 10.04 1.75 -19.61
C THR A 108 10.44 0.55 -20.45
N GLY A 109 9.68 0.26 -21.52
CA GLY A 109 9.96 -0.92 -22.31
C GLY A 109 9.73 -2.21 -21.54
N ASN A 110 8.64 -2.27 -20.79
CA ASN A 110 8.28 -3.40 -19.91
C ASN A 110 9.51 -4.01 -19.22
N GLY A 111 10.23 -3.16 -18.51
CA GLY A 111 11.50 -3.56 -17.92
C GLY A 111 11.48 -3.85 -16.43
N LEU A 112 10.29 -4.10 -15.87
CA LEU A 112 10.13 -4.45 -14.45
C LEU A 112 10.77 -3.39 -13.55
N ASP A 113 10.13 -2.22 -13.52
CA ASP A 113 10.67 -1.08 -12.78
C ASP A 113 10.72 -1.38 -11.29
N ILE A 114 9.56 -1.56 -10.67
CA ILE A 114 9.46 -1.77 -9.23
C ILE A 114 9.23 -3.24 -8.95
N TRP A 115 9.81 -3.73 -7.86
CA TRP A 115 9.73 -5.13 -7.47
C TRP A 115 9.07 -5.26 -6.11
N GLY A 116 8.79 -6.51 -5.74
CA GLY A 116 8.20 -6.80 -4.44
C GLY A 116 9.26 -6.90 -3.36
N GLN A 117 8.87 -7.54 -2.26
CA GLN A 117 9.76 -7.73 -1.12
C GLN A 117 10.37 -9.13 -1.07
N GLY A 118 9.68 -10.13 -1.59
CA GLY A 118 10.19 -11.48 -1.60
C GLY A 118 9.58 -12.38 -0.55
N THR A 119 8.98 -13.48 -0.98
CA THR A 119 8.40 -14.47 -0.07
C THR A 119 9.16 -15.78 -0.26
N MET A 120 9.87 -16.23 0.78
CA MET A 120 10.63 -17.46 0.69
C MET A 120 9.71 -18.64 0.96
N VAL A 121 9.37 -19.38 -0.09
CA VAL A 121 8.52 -20.56 0.04
C VAL A 121 9.43 -21.78 0.16
N THR A 122 9.33 -22.47 1.29
CA THR A 122 10.08 -23.69 1.56
C THR A 122 9.12 -24.88 1.51
N VAL A 123 9.44 -25.85 0.67
CA VAL A 123 8.56 -27.01 0.50
C VAL A 123 8.87 -28.07 1.54
N SER A 146 13.34 -20.34 -24.08
CA SER A 146 13.76 -20.86 -25.38
C SER A 146 14.64 -19.85 -26.10
N TYR A 147 15.51 -19.17 -25.35
CA TYR A 147 16.41 -18.18 -25.92
C TYR A 147 17.66 -18.12 -25.04
N VAL A 148 18.83 -18.14 -25.68
CA VAL A 148 20.11 -18.21 -24.98
C VAL A 148 20.70 -16.80 -24.86
N LEU A 149 21.22 -16.49 -23.68
CA LEU A 149 21.99 -15.27 -23.47
C LEU A 149 22.90 -15.51 -22.27
N THR A 150 24.20 -15.33 -22.47
CA THR A 150 25.21 -15.68 -21.48
C THR A 150 25.72 -14.43 -20.76
N GLN A 151 26.13 -14.64 -19.51
CA GLN A 151 26.78 -13.64 -18.68
C GLN A 151 28.05 -14.21 -18.10
N PRO A 152 29.03 -13.37 -17.82
CA PRO A 152 30.21 -13.82 -17.07
C PRO A 152 29.86 -14.08 -15.61
N PRO A 153 30.00 -15.31 -15.15
CA PRO A 153 29.55 -15.63 -13.78
C PRO A 153 30.29 -14.84 -12.70
N SER A 154 31.54 -14.45 -12.93
CA SER A 154 32.32 -13.73 -11.93
C SER A 154 33.15 -12.66 -12.61
N VAL A 155 33.04 -11.43 -12.13
CA VAL A 155 33.82 -10.30 -12.62
C VAL A 155 34.36 -9.53 -11.42
N SER A 156 35.67 -9.37 -11.36
CA SER A 156 36.32 -8.56 -10.36
C SER A 156 36.63 -7.18 -10.93
N VAL A 157 37.03 -6.26 -10.03
CA VAL A 157 37.42 -4.91 -10.43
C VAL A 157 37.99 -4.21 -9.21
N ALA A 158 38.80 -3.19 -9.45
CA ALA A 158 39.40 -2.38 -8.40
C ALA A 158 38.67 -1.04 -8.29
N PRO A 159 38.71 -0.40 -7.12
CA PRO A 159 38.06 0.91 -6.98
C PRO A 159 38.66 1.94 -7.92
N GLY A 160 37.80 2.79 -8.47
CA GLY A 160 38.23 3.80 -9.42
C GLY A 160 38.25 3.29 -10.84
N GLN A 161 38.48 1.99 -11.01
CA GLN A 161 38.53 1.40 -12.33
C GLN A 161 37.12 1.30 -12.92
N THR A 162 37.04 0.77 -14.13
CA THR A 162 35.78 0.63 -14.86
C THR A 162 35.51 -0.85 -15.13
N ALA A 163 34.31 -1.31 -14.79
CA ALA A 163 33.90 -2.69 -14.99
C ALA A 163 32.90 -2.78 -16.14
N ARG A 164 32.91 -3.92 -16.82
CA ARG A 164 32.02 -4.14 -17.95
C ARG A 164 31.43 -5.55 -17.87
N ILE A 165 30.10 -5.62 -17.88
CA ILE A 165 29.37 -6.90 -17.83
C ILE A 165 28.76 -7.12 -19.21
N THR A 166 29.09 -8.26 -19.82
CA THR A 166 28.68 -8.55 -21.19
C THR A 166 27.51 -9.52 -21.18
N CYS A 167 26.40 -9.12 -21.80
CA CYS A 167 25.22 -9.95 -21.99
C CYS A 167 25.24 -10.43 -23.44
N GLY A 168 25.77 -11.62 -23.67
CA GLY A 168 25.90 -12.13 -25.01
C GLY A 168 24.68 -12.92 -25.48
N GLY A 169 23.87 -12.32 -26.34
CA GLY A 169 22.70 -12.97 -26.88
C GLY A 169 22.85 -13.25 -28.37
N ASN A 170 21.78 -13.80 -28.94
CA ASN A 170 21.72 -14.11 -30.37
C ASN A 170 20.98 -12.97 -31.05
N ASN A 171 21.75 -12.05 -31.65
CA ASN A 171 21.21 -10.83 -32.24
C ASN A 171 20.37 -10.05 -31.23
N ILE A 172 20.98 -9.78 -30.07
CA ILE A 172 20.28 -9.10 -28.99
C ILE A 172 19.97 -7.65 -29.34
N GLY A 173 20.63 -7.10 -30.37
CA GLY A 173 20.30 -5.77 -30.83
C GLY A 173 18.87 -5.63 -31.34
N SER A 174 18.25 -6.74 -31.76
CA SER A 174 16.86 -6.75 -32.18
C SER A 174 15.90 -6.88 -31.00
N LYS A 175 16.38 -6.72 -29.77
CA LYS A 175 15.55 -6.78 -28.57
C LYS A 175 16.01 -5.71 -27.60
N SER A 176 15.17 -5.47 -26.59
CA SER A 176 15.45 -4.49 -25.56
C SER A 176 16.01 -5.19 -24.32
N VAL A 177 17.17 -4.74 -23.86
CA VAL A 177 17.84 -5.33 -22.71
C VAL A 177 17.42 -4.57 -21.46
N HIS A 178 17.36 -5.28 -20.33
CA HIS A 178 17.04 -4.67 -19.05
C HIS A 178 18.03 -5.19 -18.02
N TRP A 179 18.80 -4.29 -17.41
CA TRP A 179 19.84 -4.65 -16.45
C TRP A 179 19.37 -4.32 -15.05
N TYR A 180 19.41 -5.33 -14.17
CA TYR A 180 19.03 -5.23 -12.77
C TYR A 180 20.23 -5.52 -11.89
N GLN A 181 20.29 -4.83 -10.74
CA GLN A 181 21.29 -5.07 -9.72
C GLN A 181 20.59 -5.57 -8.46
N GLN A 182 21.00 -6.75 -7.98
CA GLN A 182 20.43 -7.36 -6.80
C GLN A 182 21.51 -7.49 -5.73
N LYS A 183 21.29 -6.85 -4.59
CA LYS A 183 22.15 -6.99 -3.44
C LYS A 183 21.86 -8.30 -2.71
N PRO A 184 22.78 -8.77 -1.86
CA PRO A 184 22.49 -9.96 -1.06
C PRO A 184 21.27 -9.76 -0.18
N GLY A 185 20.30 -10.66 -0.31
CA GLY A 185 19.06 -10.58 0.44
C GLY A 185 18.09 -9.53 -0.03
N GLN A 186 18.46 -8.67 -0.97
CA GLN A 186 17.59 -7.63 -1.47
C GLN A 186 16.83 -8.11 -2.71
N ALA A 187 15.78 -7.37 -3.05
CA ALA A 187 15.03 -7.64 -4.25
C ALA A 187 15.76 -7.06 -5.46
N PRO A 188 15.52 -7.61 -6.65
CA PRO A 188 16.13 -7.03 -7.86
C PRO A 188 15.66 -5.60 -8.07
N VAL A 189 16.61 -4.75 -8.46
CA VAL A 189 16.35 -3.33 -8.70
C VAL A 189 16.77 -3.02 -10.14
N LEU A 190 15.83 -2.51 -10.93
CA LEU A 190 16.13 -2.16 -12.31
C LEU A 190 17.15 -1.03 -12.36
N VAL A 191 18.27 -1.28 -13.04
CA VAL A 191 19.34 -0.31 -13.16
C VAL A 191 19.29 0.42 -14.50
N VAL A 192 19.10 -0.32 -15.59
CA VAL A 192 18.88 0.32 -16.89
C VAL A 192 17.77 -0.42 -17.64
N TYR A 193 16.98 0.35 -18.39
CA TYR A 193 15.88 -0.19 -19.18
C TYR A 193 16.02 0.29 -20.61
N ASP A 194 15.41 -0.46 -21.53
CA ASP A 194 15.47 -0.20 -22.96
C ASP A 194 16.92 0.05 -23.41
N ASP A 195 17.74 -0.98 -23.18
CA ASP A 195 19.16 -1.00 -23.56
C ASP A 195 20.00 -0.04 -22.74
N SER A 196 19.70 1.26 -22.79
CA SER A 196 20.56 2.24 -22.11
C SER A 196 19.83 3.29 -21.29
N ASP A 197 18.51 3.41 -21.38
CA ASP A 197 17.80 4.38 -20.56
C ASP A 197 17.91 4.01 -19.09
N ARG A 198 18.19 5.00 -18.25
CA ARG A 198 18.42 4.79 -16.83
C ARG A 198 17.33 5.44 -16.00
N PRO A 199 16.68 4.70 -15.10
CA PRO A 199 15.64 5.30 -14.27
C PRO A 199 16.22 6.27 -13.26
N SER A 200 15.36 7.17 -12.79
CA SER A 200 15.79 8.21 -11.86
C SER A 200 16.27 7.59 -10.55
N GLY A 201 17.32 8.19 -9.99
CA GLY A 201 17.93 7.72 -8.77
C GLY A 201 19.21 6.94 -8.98
N ILE A 202 19.33 6.26 -10.12
CA ILE A 202 20.55 5.49 -10.42
C ILE A 202 21.65 6.45 -10.81
N PRO A 203 22.87 6.30 -10.27
CA PRO A 203 23.96 7.21 -10.65
C PRO A 203 24.31 7.08 -12.12
N GLU A 204 24.73 8.20 -12.71
CA GLU A 204 24.98 8.28 -14.14
C GLU A 204 26.13 7.41 -14.61
N ARG A 205 26.95 6.89 -13.70
CA ARG A 205 28.09 6.08 -14.11
C ARG A 205 27.67 4.73 -14.70
N PHE A 206 26.47 4.26 -14.40
CA PHE A 206 25.96 3.01 -14.97
C PHE A 206 25.40 3.30 -16.34
N SER A 207 26.04 2.76 -17.38
CA SER A 207 25.63 3.02 -18.76
C SER A 207 25.32 1.71 -19.48
N GLY A 208 24.26 1.72 -20.28
CA GLY A 208 23.87 0.56 -21.04
C GLY A 208 24.30 0.65 -22.49
N SER A 209 24.43 -0.51 -23.12
CA SER A 209 24.79 -0.58 -24.53
C SER A 209 24.23 -1.86 -25.13
N ASN A 210 23.95 -1.83 -26.42
CA ASN A 210 23.42 -3.00 -27.12
C ASN A 210 23.72 -2.85 -28.61
N SER A 211 24.34 -3.87 -29.19
CA SER A 211 24.69 -3.84 -30.60
C SER A 211 24.87 -5.26 -31.10
N GLY A 212 24.28 -5.55 -32.26
CA GLY A 212 24.43 -6.86 -32.88
C GLY A 212 23.98 -7.96 -31.95
N ASN A 213 24.90 -8.86 -31.61
CA ASN A 213 24.64 -9.98 -30.71
C ASN A 213 25.34 -9.80 -29.37
N THR A 214 25.47 -8.56 -28.89
CA THR A 214 26.15 -8.31 -27.63
C THR A 214 25.59 -7.05 -26.98
N ALA A 215 25.12 -7.17 -25.75
CA ALA A 215 24.77 -6.04 -24.91
C ALA A 215 25.81 -5.91 -23.80
N ALA A 216 25.81 -4.76 -23.14
CA ALA A 216 26.83 -4.49 -22.15
C ALA A 216 26.34 -3.48 -21.12
N LEU A 217 26.83 -3.64 -19.90
CA LEU A 217 26.63 -2.67 -18.82
C LEU A 217 28.00 -2.21 -18.35
N THR A 218 28.20 -0.89 -18.32
CA THR A 218 29.49 -0.31 -18.00
C THR A 218 29.36 0.51 -16.71
N ILE A 219 30.20 0.20 -15.73
CA ILE A 219 30.22 0.89 -14.44
C ILE A 219 31.56 1.62 -14.35
N SER A 220 31.52 2.93 -14.46
CA SER A 220 32.71 3.75 -14.29
C SER A 220 32.83 4.20 -12.84
N ARG A 221 34.08 4.30 -12.38
CA ARG A 221 34.39 4.65 -10.99
C ARG A 221 33.66 3.72 -10.02
N VAL A 222 34.10 2.46 -10.03
CA VAL A 222 33.46 1.44 -9.21
C VAL A 222 33.76 1.73 -7.74
N GLU A 223 32.70 1.88 -6.94
CA GLU A 223 32.83 2.08 -5.51
C GLU A 223 32.62 0.76 -4.78
N ALA A 224 32.81 0.80 -3.45
CA ALA A 224 32.62 -0.39 -2.64
C ALA A 224 31.17 -0.84 -2.63
N GLY A 225 30.23 0.09 -2.77
CA GLY A 225 28.82 -0.23 -2.78
C GLY A 225 28.27 -0.81 -4.07
N ASP A 226 29.15 -1.16 -5.01
CA ASP A 226 28.72 -1.73 -6.28
C ASP A 226 28.80 -3.25 -6.32
N GLU A 227 29.36 -3.89 -5.30
CA GLU A 227 29.47 -5.34 -5.28
C GLU A 227 28.10 -5.95 -5.07
N ALA A 228 27.57 -6.61 -6.11
CA ALA A 228 26.26 -7.25 -6.06
C ALA A 228 26.12 -8.10 -7.31
N ASP A 229 24.98 -8.79 -7.42
CA ASP A 229 24.69 -9.56 -8.61
C ASP A 229 24.08 -8.65 -9.68
N TYR A 230 24.45 -8.89 -10.93
CA TYR A 230 23.98 -8.08 -12.05
C TYR A 230 23.39 -9.00 -13.11
N TYR A 231 22.10 -8.83 -13.38
CA TYR A 231 21.39 -9.66 -14.34
C TYR A 231 20.94 -8.85 -15.53
N CYS A 232 20.91 -9.49 -16.70
CA CYS A 232 20.31 -8.91 -17.90
C CYS A 232 19.12 -9.76 -18.32
N GLN A 233 18.06 -9.09 -18.77
CA GLN A 233 16.80 -9.75 -19.05
C GLN A 233 16.19 -9.19 -20.33
N VAL A 234 15.64 -10.09 -21.15
CA VAL A 234 14.92 -9.72 -22.36
C VAL A 234 13.63 -10.52 -22.46
N TRP A 235 12.91 -10.38 -23.57
CA TRP A 235 11.63 -11.05 -23.76
C TRP A 235 11.65 -11.76 -25.12
N ASP A 236 11.62 -13.09 -25.10
CA ASP A 236 11.56 -13.87 -26.33
C ASP A 236 10.14 -13.80 -26.89
N SER A 237 10.01 -13.23 -28.08
CA SER A 237 8.71 -13.09 -28.75
C SER A 237 8.37 -14.29 -29.62
N SER A 238 9.32 -15.19 -29.88
CA SER A 238 9.01 -16.41 -30.62
C SER A 238 8.24 -17.40 -29.75
N SER A 239 8.78 -17.73 -28.59
CA SER A 239 8.09 -18.57 -27.61
C SER A 239 7.26 -17.75 -26.63
N ASP A 240 7.39 -16.42 -26.66
CA ASP A 240 6.56 -15.50 -25.88
C ASP A 240 6.71 -15.75 -24.37
N HIS A 241 7.88 -15.39 -23.86
CA HIS A 241 8.10 -15.39 -22.42
C HIS A 241 9.40 -14.65 -22.09
N VAL A 242 9.52 -14.26 -20.83
CA VAL A 242 10.68 -13.51 -20.37
C VAL A 242 11.85 -14.45 -20.16
N VAL A 243 13.05 -14.00 -20.55
CA VAL A 243 14.27 -14.78 -20.38
C VAL A 243 15.29 -13.92 -19.65
N PHE A 244 15.78 -14.42 -18.52
CA PHE A 244 16.79 -13.75 -17.72
C PHE A 244 18.18 -14.26 -18.08
N GLY A 245 19.19 -13.70 -17.40
CA GLY A 245 20.57 -14.11 -17.59
C GLY A 245 21.06 -14.95 -16.42
N GLY A 246 22.24 -15.55 -16.64
CA GLY A 246 22.82 -16.39 -15.60
C GLY A 246 23.23 -15.62 -14.36
N GLY A 247 23.65 -14.38 -14.52
CA GLY A 247 24.05 -13.55 -13.41
C GLY A 247 25.54 -13.25 -13.45
N THR A 248 25.90 -12.16 -12.76
CA THR A 248 27.30 -11.73 -12.67
C THR A 248 27.53 -11.12 -11.30
N LYS A 249 28.46 -11.67 -10.54
CA LYS A 249 28.77 -11.21 -9.20
C LYS A 249 29.96 -10.26 -9.26
N LEU A 250 29.73 -8.99 -8.95
CA LEU A 250 30.78 -7.99 -9.00
C LEU A 250 31.57 -7.99 -7.70
N THR A 251 32.89 -7.91 -7.82
CA THR A 251 33.80 -7.97 -6.68
C THR A 251 34.67 -6.71 -6.68
N VAL A 252 34.53 -5.91 -5.63
CA VAL A 252 35.34 -4.71 -5.47
C VAL A 252 36.51 -5.06 -4.55
N LEU A 253 37.59 -4.28 -4.70
CA LEU A 253 38.85 -4.54 -4.00
C LEU A 253 39.15 -3.34 -3.11
N SER A 254 38.36 -3.18 -2.05
CA SER A 254 38.43 -2.01 -1.16
C SER A 254 39.61 -2.06 -0.20
N PHE B 16 -10.95 60.31 -23.89
CA PHE B 16 -10.54 58.98 -23.46
C PHE B 16 -11.20 57.92 -24.31
N LEU B 17 -11.32 58.21 -25.62
CA LEU B 17 -11.79 57.25 -26.60
C LEU B 17 -10.69 56.31 -27.06
N LEU B 18 -9.45 56.56 -26.65
CA LEU B 18 -8.29 55.82 -27.15
C LEU B 18 -8.12 54.53 -26.32
N ARG B 19 -9.12 53.66 -26.42
CA ARG B 19 -9.04 52.37 -25.76
C ARG B 19 -8.20 51.38 -26.57
N LEU B 20 -8.57 51.15 -27.83
CA LEU B 20 -7.82 50.28 -28.73
C LEU B 20 -6.68 51.03 -29.41
N HIS B 21 -5.86 51.71 -28.61
CA HIS B 21 -4.71 52.43 -29.14
C HIS B 21 -3.53 51.52 -29.43
N THR B 22 -3.62 50.23 -29.06
CA THR B 22 -2.56 49.26 -29.33
C THR B 22 -2.84 48.63 -30.69
N GLU B 23 -2.53 49.39 -31.75
CA GLU B 23 -2.69 49.00 -33.15
C GLU B 23 -4.14 48.61 -33.48
N GLY B 24 -5.10 48.99 -32.64
CA GLY B 24 -6.50 48.75 -32.96
C GLY B 24 -6.91 47.29 -32.90
N ARG B 25 -6.07 46.41 -32.33
CA ARG B 25 -6.38 44.99 -32.28
C ARG B 25 -7.68 44.83 -31.42
N ALA B 26 -8.64 44.03 -31.90
CA ALA B 26 -9.95 43.87 -31.26
C ALA B 26 -9.83 43.06 -29.98
N GLU B 27 -10.90 43.11 -29.18
CA GLU B 27 -10.86 42.45 -27.87
C GLU B 27 -11.08 40.96 -27.96
N ALA B 28 -11.52 40.43 -29.11
CA ALA B 28 -11.66 38.98 -29.30
C ALA B 28 -12.75 38.51 -28.34
N ALA B 29 -12.57 37.40 -27.62
CA ALA B 29 -13.64 36.87 -26.80
C ALA B 29 -13.06 36.17 -25.57
N ARG B 30 -13.95 35.78 -24.66
CA ARG B 30 -13.58 35.06 -23.45
C ARG B 30 -14.17 33.66 -23.50
N VAL B 31 -13.34 32.66 -23.27
CA VAL B 31 -13.77 31.27 -23.25
C VAL B 31 -14.23 30.95 -21.83
N GLN B 32 -15.54 30.97 -21.62
CA GLN B 32 -16.09 30.65 -20.31
C GLN B 32 -16.12 29.14 -20.10
N GLU B 33 -16.39 28.74 -18.85
CA GLU B 33 -16.31 27.33 -18.49
C GLU B 33 -17.38 26.49 -19.17
N GLN B 34 -18.56 27.07 -19.40
CA GLN B 34 -19.62 26.31 -20.07
C GLN B 34 -19.25 25.96 -21.49
N ASP B 35 -18.50 26.84 -22.18
CA ASP B 35 -18.05 26.52 -23.53
C ASP B 35 -17.13 25.31 -23.53
N LEU B 36 -16.17 25.28 -22.61
CA LEU B 36 -15.28 24.12 -22.51
C LEU B 36 -16.05 22.86 -22.13
N ARG B 37 -16.99 22.98 -21.19
CA ARG B 37 -17.78 21.83 -20.79
C ARG B 37 -18.61 21.29 -21.96
N GLN B 38 -19.01 22.17 -22.88
CA GLN B 38 -19.77 21.74 -24.05
C GLN B 38 -18.88 21.06 -25.09
N TRP B 39 -17.60 21.44 -25.15
CA TRP B 39 -16.70 20.98 -26.20
C TRP B 39 -16.02 19.65 -25.87
N GLY B 40 -16.38 19.01 -24.76
CA GLY B 40 -15.82 17.71 -24.46
C GLY B 40 -15.24 17.57 -23.06
N LEU B 41 -15.05 18.69 -22.37
CA LEU B 41 -14.51 18.65 -21.02
C LEU B 41 -15.55 18.06 -20.07
N THR B 42 -15.11 17.14 -19.21
CA THR B 42 -16.02 16.42 -18.32
C THR B 42 -15.48 16.35 -16.90
N GLY B 43 -14.16 16.41 -16.75
CA GLY B 43 -13.51 16.10 -15.49
C GLY B 43 -13.85 16.99 -14.32
N ILE B 44 -13.39 18.24 -14.33
CA ILE B 44 -13.45 19.12 -13.17
C ILE B 44 -13.96 20.50 -13.60
N HIS B 45 -14.38 21.28 -12.60
CA HIS B 45 -14.68 22.69 -12.79
C HIS B 45 -13.43 23.50 -12.51
N LEU B 46 -12.92 24.19 -13.52
CA LEU B 46 -11.66 24.92 -13.38
C LEU B 46 -11.81 26.09 -12.42
N ARG B 47 -10.68 26.60 -11.97
CA ARG B 47 -10.64 27.76 -11.09
C ARG B 47 -10.56 29.04 -11.93
N SER B 48 -10.59 30.19 -11.25
CA SER B 48 -10.57 31.47 -11.96
C SER B 48 -9.26 31.65 -12.72
N TYR B 49 -8.13 31.53 -12.02
CA TYR B 49 -6.83 31.69 -12.67
C TYR B 49 -6.58 30.60 -13.70
N GLN B 50 -7.12 29.39 -13.48
CA GLN B 50 -6.98 28.33 -14.46
C GLN B 50 -7.75 28.65 -15.74
N LEU B 51 -8.97 29.19 -15.59
CA LEU B 51 -9.74 29.59 -16.77
C LEU B 51 -9.04 30.74 -17.51
N GLU B 52 -8.49 31.69 -16.75
CA GLU B 52 -7.73 32.77 -17.39
C GLU B 52 -6.50 32.24 -18.11
N GLY B 53 -5.85 31.21 -17.54
CA GLY B 53 -4.70 30.62 -18.21
C GLY B 53 -5.09 29.87 -19.48
N VAL B 54 -6.25 29.22 -19.48
CA VAL B 54 -6.74 28.59 -20.70
C VAL B 54 -7.04 29.62 -21.77
N ASN B 55 -7.68 30.73 -21.36
CA ASN B 55 -7.90 31.85 -22.29
C ASN B 55 -6.57 32.35 -22.86
N TRP B 56 -5.56 32.50 -22.00
CA TRP B 56 -4.26 32.96 -22.45
C TRP B 56 -3.63 31.97 -23.42
N LEU B 57 -3.73 30.67 -23.13
CA LEU B 57 -3.18 29.66 -24.02
C LEU B 57 -3.86 29.70 -25.38
N ALA B 58 -5.18 29.91 -25.41
CA ALA B 58 -5.89 30.00 -26.69
C ALA B 58 -5.46 31.23 -27.47
N GLN B 59 -5.46 32.39 -26.82
CA GLN B 59 -5.05 33.63 -27.47
C GLN B 59 -3.62 33.54 -27.99
N ARG B 60 -2.76 32.79 -27.30
CA ARG B 60 -1.37 32.65 -27.73
C ARG B 60 -1.23 31.62 -28.85
N PHE B 61 -2.04 30.56 -28.83
CA PHE B 61 -2.04 29.63 -29.95
C PHE B 61 -2.48 30.32 -31.23
N HIS B 62 -3.41 31.29 -31.12
CA HIS B 62 -3.88 31.96 -32.32
C HIS B 62 -2.80 32.84 -32.96
N CYS B 63 -1.85 33.35 -32.17
CA CYS B 63 -1.04 34.47 -32.64
C CYS B 63 0.46 34.31 -32.37
N GLN B 64 0.97 33.08 -32.37
CA GLN B 64 2.42 32.85 -32.32
C GLN B 64 2.69 31.35 -32.36
N ASN B 65 3.98 31.02 -32.37
CA ASN B 65 4.47 29.64 -32.43
C ASN B 65 5.01 29.28 -31.05
N GLY B 66 4.10 28.92 -30.15
CA GLY B 66 4.46 28.42 -28.84
C GLY B 66 4.41 29.49 -27.77
N CYS B 67 4.49 29.03 -26.52
CA CYS B 67 4.57 29.89 -25.35
C CYS B 67 5.05 29.04 -24.18
N ILE B 68 5.17 29.68 -23.01
CA ILE B 68 5.64 29.02 -21.80
C ILE B 68 4.64 29.29 -20.69
N LEU B 69 4.00 28.23 -20.19
CA LEU B 69 3.07 28.33 -19.06
C LEU B 69 3.86 27.95 -17.81
N GLY B 70 4.36 28.96 -17.10
CA GLY B 70 5.25 28.72 -15.98
C GLY B 70 4.61 28.86 -14.61
N ASP B 71 3.36 28.42 -14.47
CA ASP B 71 2.73 28.42 -13.16
C ASP B 71 3.53 27.56 -12.19
N GLU B 72 3.41 27.87 -10.90
CA GLU B 72 4.11 27.10 -9.88
C GLU B 72 3.55 25.68 -9.84
N MET B 73 4.40 24.73 -9.42
CA MET B 73 4.04 23.32 -9.46
C MET B 73 2.85 23.05 -8.57
N GLY B 74 1.88 22.29 -9.10
CA GLY B 74 0.69 21.97 -8.35
C GLY B 74 -0.48 22.91 -8.55
N LEU B 75 -0.47 23.71 -9.62
CA LEU B 75 -1.53 24.68 -9.87
C LEU B 75 -2.48 24.25 -10.99
N GLY B 76 -2.24 23.09 -11.61
CA GLY B 76 -3.15 22.59 -12.62
C GLY B 76 -2.69 22.86 -14.04
N LYS B 77 -1.37 22.78 -14.28
CA LYS B 77 -0.86 23.03 -15.62
C LYS B 77 -1.26 21.91 -16.58
N THR B 78 -1.25 20.66 -16.10
CA THR B 78 -1.61 19.53 -16.95
C THR B 78 -3.05 19.63 -17.43
N CYS B 79 -3.98 19.85 -16.49
CA CYS B 79 -5.38 20.00 -16.88
C CYS B 79 -5.60 21.26 -17.70
N GLN B 80 -4.75 22.28 -17.51
CA GLN B 80 -4.86 23.48 -18.36
C GLN B 80 -4.49 23.16 -19.81
N THR B 81 -3.44 22.37 -20.02
CA THR B 81 -3.11 21.97 -21.38
C THR B 81 -4.18 21.06 -21.97
N ILE B 82 -4.77 20.19 -21.14
CA ILE B 82 -5.88 19.37 -21.62
C ILE B 82 -7.07 20.25 -22.02
N ALA B 83 -7.30 21.33 -21.26
CA ALA B 83 -8.39 22.25 -21.60
C ALA B 83 -8.07 23.02 -22.88
N LEU B 84 -6.80 23.35 -23.10
CA LEU B 84 -6.41 23.95 -24.37
C LEU B 84 -6.68 23.00 -25.54
N PHE B 85 -6.39 21.71 -25.34
CA PHE B 85 -6.74 20.71 -26.34
C PHE B 85 -8.24 20.71 -26.61
N ILE B 86 -9.04 20.69 -25.54
CA ILE B 86 -10.50 20.69 -25.69
C ILE B 86 -10.96 21.93 -26.45
N TYR B 87 -10.39 23.09 -26.13
CA TYR B 87 -10.72 24.33 -26.82
C TYR B 87 -10.43 24.20 -28.31
N LEU B 88 -9.16 24.05 -28.67
CA LEU B 88 -8.81 24.07 -30.08
C LEU B 88 -9.26 22.81 -30.83
N ALA B 89 -9.89 21.86 -30.14
CA ALA B 89 -10.58 20.77 -30.82
C ALA B 89 -12.06 21.06 -31.04
N GLY B 90 -12.65 21.90 -30.20
CA GLY B 90 -14.06 22.23 -30.33
C GLY B 90 -14.30 23.69 -30.66
N ARG B 91 -13.31 24.34 -31.24
CA ARG B 91 -13.43 25.72 -31.68
C ARG B 91 -13.08 25.90 -33.16
N LEU B 92 -12.03 25.24 -33.63
CA LEU B 92 -11.68 25.26 -35.05
C LEU B 92 -11.44 23.86 -35.61
N ASN B 93 -11.78 22.82 -34.84
CA ASN B 93 -11.71 21.43 -35.30
C ASN B 93 -10.29 21.06 -35.71
N ASP B 94 -9.34 21.30 -34.81
CA ASP B 94 -7.94 20.94 -35.03
C ASP B 94 -7.73 19.53 -34.50
N GLU B 95 -8.02 18.54 -35.34
CA GLU B 95 -7.83 17.14 -35.00
C GLU B 95 -6.41 16.66 -35.30
N GLY B 96 -5.47 17.58 -35.50
CA GLY B 96 -4.10 17.22 -35.74
C GLY B 96 -3.46 16.54 -34.55
N PRO B 97 -2.32 15.90 -34.77
CA PRO B 97 -1.66 15.17 -33.67
C PRO B 97 -1.14 16.14 -32.61
N PHE B 98 -1.44 15.83 -31.35
CA PHE B 98 -0.93 16.58 -30.20
C PHE B 98 0.15 15.73 -29.54
N LEU B 99 1.40 16.14 -29.69
CA LEU B 99 2.52 15.37 -29.15
C LEU B 99 2.86 15.89 -27.77
N ILE B 100 2.61 15.07 -26.75
CA ILE B 100 2.98 15.40 -25.38
C ILE B 100 4.25 14.63 -25.04
N LEU B 101 5.30 15.37 -24.66
CA LEU B 101 6.55 14.79 -24.20
C LEU B 101 6.73 15.14 -22.73
N CYS B 102 6.88 14.12 -21.90
CA CYS B 102 6.96 14.34 -20.46
C CYS B 102 8.07 13.49 -19.86
N PRO B 103 8.49 13.76 -18.62
CA PRO B 103 9.36 12.81 -17.93
C PRO B 103 8.62 11.52 -17.63
N LEU B 104 9.40 10.48 -17.32
CA LEU B 104 8.84 9.14 -17.15
C LEU B 104 7.87 9.08 -15.97
N SER B 105 8.20 9.76 -14.87
CA SER B 105 7.42 9.64 -13.65
C SER B 105 6.02 10.23 -13.78
N VAL B 106 5.79 11.15 -14.71
CA VAL B 106 4.52 11.84 -14.84
C VAL B 106 3.71 11.37 -16.04
N LEU B 107 4.20 10.39 -16.80
CA LEU B 107 3.41 9.87 -17.91
C LEU B 107 2.15 9.19 -17.40
N SER B 108 2.23 8.55 -16.23
CA SER B 108 1.03 7.96 -15.62
C SER B 108 -0.01 9.04 -15.33
N ASN B 109 0.43 10.16 -14.76
CA ASN B 109 -0.50 11.25 -14.46
C ASN B 109 -1.08 11.84 -15.73
N TRP B 110 -0.26 12.01 -16.77
CA TRP B 110 -0.76 12.53 -18.03
C TRP B 110 -1.80 11.61 -18.64
N LYS B 111 -1.50 10.30 -18.71
CA LYS B 111 -2.43 9.34 -19.27
C LYS B 111 -3.70 9.23 -18.46
N GLU B 112 -3.61 9.42 -17.14
CA GLU B 112 -4.80 9.37 -16.30
C GLU B 112 -5.68 10.60 -16.51
N GLU B 113 -5.08 11.79 -16.48
CA GLU B 113 -5.86 13.01 -16.63
C GLU B 113 -6.41 13.18 -18.04
N MET B 114 -5.72 12.64 -19.05
CA MET B 114 -6.23 12.75 -20.41
C MET B 114 -7.53 11.99 -20.58
N GLN B 115 -7.69 10.86 -19.87
CA GLN B 115 -8.92 10.10 -19.93
C GLN B 115 -9.93 10.51 -18.87
N ARG B 116 -9.50 11.21 -17.82
CA ARG B 116 -10.44 11.68 -16.82
C ARG B 116 -11.03 13.04 -17.15
N PHE B 117 -10.34 13.86 -17.94
CA PHE B 117 -10.82 15.18 -18.32
C PHE B 117 -11.33 15.26 -19.75
N ALA B 118 -10.61 14.65 -20.70
CA ALA B 118 -10.97 14.69 -22.12
C ALA B 118 -11.20 13.27 -22.63
N PRO B 119 -12.31 12.64 -22.26
CA PRO B 119 -12.54 11.26 -22.70
C PRO B 119 -12.82 11.14 -24.19
N GLY B 120 -13.37 12.18 -24.81
CA GLY B 120 -13.62 12.12 -26.24
C GLY B 120 -12.36 12.11 -27.07
N LEU B 121 -11.28 12.69 -26.55
CA LEU B 121 -10.00 12.72 -27.25
C LEU B 121 -9.30 11.37 -27.04
N SER B 122 -9.11 10.63 -28.12
CA SER B 122 -8.44 9.34 -28.05
C SER B 122 -6.96 9.55 -27.78
N CYS B 123 -6.47 9.01 -26.67
CA CYS B 123 -5.08 9.16 -26.27
C CYS B 123 -4.33 7.86 -26.50
N VAL B 124 -3.22 7.94 -27.22
CA VAL B 124 -2.35 6.80 -27.49
C VAL B 124 -0.98 7.08 -26.90
N THR B 125 -0.45 6.11 -26.16
CA THR B 125 0.87 6.21 -25.55
C THR B 125 1.86 5.44 -26.41
N TYR B 126 2.82 6.16 -27.00
CA TYR B 126 3.87 5.53 -27.79
C TYR B 126 4.95 5.06 -26.82
N ALA B 127 4.72 3.89 -26.24
CA ALA B 127 5.64 3.32 -25.27
C ALA B 127 5.79 1.83 -25.53
N GLY B 128 6.92 1.29 -25.06
CA GLY B 128 7.21 -0.13 -25.13
C GLY B 128 8.61 -0.37 -25.66
N ASP B 129 8.88 -1.62 -26.01
CA ASP B 129 10.20 -2.03 -26.47
C ASP B 129 10.24 -1.98 -28.00
N LYS B 130 11.22 -2.66 -28.60
CA LYS B 130 11.29 -2.74 -30.06
C LYS B 130 10.07 -3.46 -30.64
N GLU B 131 9.60 -4.50 -29.93
CA GLU B 131 8.37 -5.15 -30.34
C GLU B 131 7.21 -4.17 -30.36
N GLU B 132 7.07 -3.38 -29.30
CA GLU B 132 6.03 -2.35 -29.28
C GLU B 132 6.34 -1.24 -30.26
N ARG B 133 7.63 -0.97 -30.52
CA ARG B 133 7.98 -0.03 -31.58
C ARG B 133 7.36 -0.45 -32.91
N ALA B 134 7.54 -1.71 -33.29
CA ALA B 134 6.97 -2.20 -34.55
C ALA B 134 5.45 -2.25 -34.48
N CYS B 135 4.90 -2.70 -33.35
CA CYS B 135 3.45 -2.82 -33.22
C CYS B 135 2.75 -1.47 -33.21
N LEU B 136 3.46 -0.39 -32.90
CA LEU B 136 2.92 0.95 -33.01
C LEU B 136 3.26 1.61 -34.34
N GLN B 137 4.32 1.18 -35.02
CA GLN B 137 4.45 1.47 -36.44
C GLN B 137 3.32 0.84 -37.22
N GLN B 138 2.73 -0.23 -36.69
CA GLN B 138 1.55 -0.83 -37.31
C GLN B 138 0.40 0.16 -37.38
N ASP B 139 0.14 0.86 -36.27
CA ASP B 139 -0.99 1.79 -36.18
C ASP B 139 -0.59 3.18 -36.69
N LEU B 140 -0.14 3.22 -37.95
CA LEU B 140 0.10 4.47 -38.64
C LEU B 140 -1.07 4.85 -39.54
N LYS B 141 -2.28 4.34 -39.25
CA LYS B 141 -3.42 4.54 -40.14
C LYS B 141 -3.73 6.03 -40.34
N GLN B 142 -3.40 6.86 -39.35
CA GLN B 142 -3.61 8.31 -39.44
C GLN B 142 -5.06 8.65 -39.76
N GLU B 143 -5.98 7.81 -39.30
CA GLU B 143 -7.41 7.99 -39.50
C GLU B 143 -8.04 8.84 -38.41
N SER B 144 -7.26 9.71 -37.76
CA SER B 144 -7.69 10.47 -36.59
C SER B 144 -8.18 9.55 -35.47
N ARG B 145 -7.64 8.34 -35.42
CA ARG B 145 -7.92 7.41 -34.33
C ARG B 145 -7.06 7.69 -33.10
N PHE B 146 -6.10 8.62 -33.20
CA PHE B 146 -5.31 9.05 -32.06
C PHE B 146 -5.22 10.57 -32.10
N HIS B 147 -5.74 11.21 -31.06
CA HIS B 147 -5.74 12.67 -30.98
C HIS B 147 -4.61 13.22 -30.13
N VAL B 148 -4.11 12.45 -29.17
CA VAL B 148 -3.03 12.90 -28.29
C VAL B 148 -2.05 11.73 -28.13
N LEU B 149 -0.83 11.92 -28.62
CA LEU B 149 0.23 10.92 -28.52
C LEU B 149 1.13 11.32 -27.35
N LEU B 150 1.13 10.49 -26.30
CA LEU B 150 1.86 10.75 -25.07
C LEU B 150 3.12 9.91 -25.02
N THR B 151 4.25 10.52 -24.66
CA THR B 151 5.53 9.84 -24.72
C THR B 151 6.50 10.44 -23.71
N THR B 152 7.41 9.62 -23.23
CA THR B 152 8.51 10.09 -22.40
C THR B 152 9.55 10.80 -23.26
N TYR B 153 10.55 11.38 -22.58
CA TYR B 153 11.62 12.07 -23.30
C TYR B 153 12.51 11.10 -24.06
N GLU B 154 12.87 9.98 -23.42
CA GLU B 154 13.88 9.10 -24.00
C GLU B 154 13.33 8.29 -25.17
N ILE B 155 12.09 7.81 -25.05
CA ILE B 155 11.50 7.03 -26.13
C ILE B 155 11.30 7.91 -27.37
N CYS B 156 10.95 9.18 -27.16
CA CYS B 156 10.86 10.11 -28.29
C CYS B 156 12.24 10.43 -28.84
N LEU B 157 13.24 10.55 -27.96
CA LEU B 157 14.59 10.88 -28.40
C LEU B 157 15.17 9.78 -29.28
N LYS B 158 14.92 8.51 -28.91
CA LYS B 158 15.46 7.41 -29.69
C LYS B 158 14.65 7.19 -30.97
N ASP B 159 13.33 7.13 -30.85
CA ASP B 159 12.45 6.93 -32.00
C ASP B 159 12.07 8.25 -32.66
N ALA B 160 13.05 9.13 -32.87
CA ALA B 160 12.77 10.42 -33.49
C ALA B 160 12.53 10.30 -35.00
N SER B 161 12.90 9.17 -35.61
CA SER B 161 12.67 8.99 -37.03
C SER B 161 11.18 8.93 -37.34
N PHE B 162 10.44 8.12 -36.58
CA PHE B 162 8.99 8.07 -36.77
C PHE B 162 8.31 9.32 -36.24
N LEU B 163 8.87 9.93 -35.18
CA LEU B 163 8.31 11.14 -34.60
C LEU B 163 8.80 12.41 -35.28
N LYS B 164 9.18 12.32 -36.56
CA LYS B 164 9.51 13.47 -37.38
C LYS B 164 8.80 13.35 -38.73
N SER B 165 7.54 12.94 -38.70
CA SER B 165 6.78 12.72 -39.93
C SER B 165 5.29 12.89 -39.66
N PHE B 166 4.92 13.91 -38.88
CA PHE B 166 3.54 14.19 -38.57
C PHE B 166 3.31 15.70 -38.59
N PRO B 167 2.18 16.15 -39.13
CA PRO B 167 1.83 17.59 -39.08
C PRO B 167 1.32 17.99 -37.72
N TRP B 168 2.22 17.98 -36.74
CA TRP B 168 1.83 18.27 -35.36
C TRP B 168 1.37 19.72 -35.21
N SER B 169 0.13 19.89 -34.76
CA SER B 169 -0.39 21.22 -34.52
C SER B 169 -0.02 21.72 -33.12
N VAL B 170 0.14 20.81 -32.16
CA VAL B 170 0.49 21.17 -30.80
C VAL B 170 1.56 20.21 -30.29
N LEU B 171 2.66 20.76 -29.81
CA LEU B 171 3.66 20.05 -29.03
C LEU B 171 3.62 20.59 -27.61
N VAL B 172 3.67 19.70 -26.63
CA VAL B 172 3.56 20.07 -25.22
C VAL B 172 4.70 19.39 -24.47
N VAL B 173 5.66 20.18 -24.02
CA VAL B 173 6.83 19.66 -23.32
C VAL B 173 6.65 19.95 -21.84
N ASP B 174 6.31 18.93 -21.06
CA ASP B 174 6.03 19.08 -19.64
C ASP B 174 7.33 19.05 -18.85
N GLU B 175 7.42 19.92 -17.84
CA GLU B 175 8.63 20.10 -17.04
C GLU B 175 9.84 20.31 -17.96
N ALA B 176 9.71 21.29 -18.86
CA ALA B 176 10.66 21.53 -19.93
C ALA B 176 11.96 22.18 -19.49
N HIS B 177 12.27 22.17 -18.19
CA HIS B 177 13.54 22.69 -17.73
C HIS B 177 14.73 21.86 -18.19
N ARG B 178 14.47 20.66 -18.74
CA ARG B 178 15.51 19.91 -19.41
C ARG B 178 15.97 20.56 -20.71
N LEU B 179 15.24 21.58 -21.19
CA LEU B 179 15.59 22.30 -22.40
C LEU B 179 16.33 23.60 -22.12
N LYS B 180 16.73 23.83 -20.88
CA LYS B 180 17.42 25.07 -20.53
C LYS B 180 18.82 25.16 -21.13
N ASN B 181 19.40 24.03 -21.53
CA ASN B 181 20.67 24.01 -22.25
C ASN B 181 20.35 24.01 -23.75
N GLN B 182 20.68 25.11 -24.43
CA GLN B 182 20.33 25.25 -25.83
C GLN B 182 21.04 24.24 -26.73
N SER B 183 22.09 23.60 -26.22
CA SER B 183 22.80 22.56 -26.96
C SER B 183 22.35 21.15 -26.59
N SER B 184 21.20 21.03 -25.93
CA SER B 184 20.69 19.72 -25.57
C SER B 184 20.36 18.90 -26.81
N LEU B 185 20.63 17.61 -26.75
CA LEU B 185 20.37 16.74 -27.90
C LEU B 185 18.88 16.72 -28.24
N LEU B 186 18.03 16.63 -27.22
CA LEU B 186 16.59 16.67 -27.47
C LEU B 186 16.16 18.05 -27.96
N HIS B 187 16.83 19.11 -27.52
CA HIS B 187 16.53 20.44 -28.04
C HIS B 187 16.83 20.51 -29.54
N LYS B 188 18.01 20.04 -29.93
CA LYS B 188 18.38 20.04 -31.34
C LYS B 188 17.49 19.12 -32.16
N THR B 189 16.97 18.06 -31.55
CA THR B 189 16.08 17.16 -32.28
C THR B 189 14.70 17.78 -32.45
N LEU B 190 14.16 18.42 -31.39
CA LEU B 190 12.83 19.01 -31.45
C LEU B 190 12.81 20.29 -32.26
N SER B 191 13.96 20.98 -32.42
CA SER B 191 13.97 22.21 -33.20
C SER B 191 13.57 21.97 -34.64
N GLU B 192 13.88 20.78 -35.18
CA GLU B 192 13.57 20.44 -36.56
C GLU B 192 12.31 19.59 -36.68
N PHE B 193 11.25 19.95 -35.95
CA PHE B 193 9.98 19.25 -36.03
C PHE B 193 8.94 20.16 -36.67
N SER B 194 7.92 19.53 -37.26
CA SER B 194 6.80 20.25 -37.88
C SER B 194 5.72 20.49 -36.83
N VAL B 195 5.95 21.51 -36.01
CA VAL B 195 5.06 21.86 -34.92
C VAL B 195 4.46 23.24 -35.20
N VAL B 196 3.15 23.36 -35.04
CA VAL B 196 2.49 24.65 -35.23
C VAL B 196 2.59 25.49 -33.97
N PHE B 197 2.33 24.89 -32.81
CA PHE B 197 2.37 25.59 -31.54
C PHE B 197 3.15 24.77 -30.53
N SER B 198 4.27 25.31 -30.06
CA SER B 198 5.15 24.65 -29.10
C SER B 198 4.90 25.26 -27.72
N LEU B 199 4.26 24.50 -26.85
CA LEU B 199 3.93 24.94 -25.49
C LEU B 199 4.86 24.24 -24.50
N LEU B 200 5.47 25.01 -23.61
CA LEU B 200 6.34 24.51 -22.57
C LEU B 200 5.64 24.63 -21.22
N LEU B 201 5.81 23.60 -20.40
CA LEU B 201 5.29 23.58 -19.03
C LEU B 201 6.50 23.52 -18.11
N THR B 202 6.57 24.44 -17.15
CA THR B 202 7.78 24.63 -16.36
C THR B 202 7.40 25.03 -14.95
N GLY B 203 7.74 24.20 -13.97
CA GLY B 203 7.38 24.45 -12.59
C GLY B 203 8.31 25.39 -11.85
N THR B 204 9.62 25.23 -12.06
CA THR B 204 10.59 26.06 -11.37
C THR B 204 10.56 27.48 -11.95
N PRO B 205 10.98 28.48 -11.14
CA PRO B 205 11.06 29.85 -11.67
C PRO B 205 12.08 29.97 -12.80
N ILE B 206 11.59 30.12 -14.03
CA ILE B 206 12.46 30.22 -15.19
C ILE B 206 13.34 31.47 -15.12
N GLN B 207 12.92 32.47 -14.34
CA GLN B 207 13.71 33.66 -14.09
C GLN B 207 14.95 33.38 -13.24
N ASN B 208 15.16 32.13 -12.83
CA ASN B 208 16.34 31.77 -12.03
C ASN B 208 17.62 32.23 -12.72
N SER B 209 17.69 32.11 -14.03
CA SER B 209 18.82 32.60 -14.81
C SER B 209 18.31 33.07 -16.16
N LEU B 210 18.74 34.26 -16.58
CA LEU B 210 18.31 34.80 -17.85
C LEU B 210 18.75 33.93 -19.02
N GLN B 211 19.88 33.23 -18.86
CA GLN B 211 20.35 32.32 -19.91
C GLN B 211 19.31 31.24 -20.19
N GLU B 212 18.80 30.60 -19.13
CA GLU B 212 17.85 29.52 -19.29
C GLU B 212 16.50 30.03 -19.78
N LEU B 213 16.07 31.19 -19.29
CA LEU B 213 14.84 31.80 -19.77
C LEU B 213 14.93 32.08 -21.26
N TYR B 214 16.04 32.67 -21.72
CA TYR B 214 16.20 32.93 -23.14
C TYR B 214 16.33 31.64 -23.93
N SER B 215 16.91 30.59 -23.35
CA SER B 215 16.97 29.31 -24.04
C SER B 215 15.57 28.76 -24.31
N LEU B 216 14.71 28.81 -23.28
CA LEU B 216 13.33 28.37 -23.48
C LEU B 216 12.60 29.26 -24.48
N LEU B 217 12.84 30.58 -24.43
CA LEU B 217 12.20 31.49 -25.38
C LEU B 217 12.65 31.19 -26.81
N SER B 218 13.94 30.95 -27.01
CA SER B 218 14.45 30.61 -28.33
C SER B 218 13.91 29.28 -28.82
N PHE B 219 13.69 28.33 -27.91
CA PHE B 219 13.00 27.10 -28.30
C PHE B 219 11.56 27.41 -28.72
N VAL B 220 10.93 28.39 -28.08
CA VAL B 220 9.57 28.79 -28.44
C VAL B 220 9.59 29.49 -29.79
N GLU B 221 10.19 30.69 -29.84
CA GLU B 221 10.29 31.47 -31.07
C GLU B 221 11.73 31.48 -31.53
N PRO B 222 12.11 30.57 -32.45
CA PRO B 222 13.52 30.51 -32.88
C PRO B 222 13.95 31.68 -33.75
N ASP B 223 13.00 32.39 -34.37
CA ASP B 223 13.34 33.51 -35.24
C ASP B 223 13.30 34.84 -34.51
N LEU B 224 12.36 35.01 -33.58
CA LEU B 224 12.31 36.21 -32.76
C LEU B 224 13.50 36.22 -31.81
N PHE B 225 13.51 35.28 -30.86
CA PHE B 225 14.61 35.15 -29.90
C PHE B 225 15.72 34.32 -30.54
N SER B 226 16.45 34.95 -31.46
CA SER B 226 17.56 34.28 -32.11
C SER B 226 18.70 34.06 -31.12
N LYS B 227 19.53 33.05 -31.41
CA LYS B 227 20.59 32.67 -30.48
C LYS B 227 21.65 33.76 -30.37
N GLU B 228 22.05 34.35 -31.49
CA GLU B 228 23.13 35.35 -31.47
C GLU B 228 22.77 36.56 -30.60
N GLU B 229 21.50 36.77 -30.28
CA GLU B 229 21.12 37.90 -29.47
C GLU B 229 21.16 37.61 -27.97
N VAL B 230 21.42 36.35 -27.58
CA VAL B 230 21.54 35.99 -26.17
C VAL B 230 22.36 37.02 -25.41
N GLY B 231 23.63 37.19 -25.78
CA GLY B 231 24.46 38.21 -25.14
C GLY B 231 23.74 39.53 -24.96
N ASP B 232 23.27 40.12 -26.06
CA ASP B 232 22.58 41.40 -25.97
C ASP B 232 21.47 41.34 -24.92
N PHE B 233 20.65 40.29 -24.98
CA PHE B 233 19.56 40.13 -24.01
C PHE B 233 20.09 40.24 -22.59
N ILE B 234 21.15 39.49 -22.28
CA ILE B 234 21.62 39.44 -20.89
C ILE B 234 22.23 40.77 -20.48
N GLN B 235 22.73 41.55 -21.45
CA GLN B 235 23.26 42.87 -21.13
C GLN B 235 22.16 43.90 -20.98
N ARG B 236 20.98 43.66 -21.56
CA ARG B 236 19.90 44.64 -21.41
C ARG B 236 19.11 44.44 -20.14
N TYR B 237 19.28 43.31 -19.45
CA TYR B 237 18.57 43.04 -18.21
C TYR B 237 19.50 42.48 -17.14
N GLN B 238 20.78 42.85 -17.20
CA GLN B 238 21.72 42.46 -16.16
C GLN B 238 21.30 42.98 -14.79
N ASP B 239 20.54 44.07 -14.76
CA ASP B 239 20.16 44.68 -13.50
C ASP B 239 19.18 43.78 -12.75
N ILE B 240 19.50 43.51 -11.49
CA ILE B 240 18.56 42.82 -10.60
C ILE B 240 17.66 43.82 -9.89
N GLU B 241 18.02 45.10 -9.87
CA GLU B 241 17.15 46.14 -9.33
C GLU B 241 15.85 46.22 -10.12
N LYS B 242 14.84 46.79 -9.47
CA LYS B 242 13.55 47.00 -10.16
C LYS B 242 13.75 47.83 -11.42
N GLU B 243 14.21 49.07 -11.26
CA GLU B 243 14.42 50.00 -12.37
C GLU B 243 13.19 50.04 -13.28
N SER B 244 12.14 50.67 -12.75
CA SER B 244 10.83 50.62 -13.39
C SER B 244 10.89 51.15 -14.82
N GLU B 245 11.60 52.27 -15.04
CA GLU B 245 11.72 52.84 -16.38
C GLU B 245 12.26 51.81 -17.38
N SER B 246 13.10 50.89 -16.91
CA SER B 246 13.57 49.79 -17.75
C SER B 246 12.94 48.45 -17.39
N ALA B 247 12.18 48.37 -16.30
CA ALA B 247 11.51 47.12 -15.95
C ALA B 247 10.24 46.92 -16.78
N SER B 248 9.53 48.01 -17.05
CA SER B 248 8.34 47.91 -17.89
C SER B 248 8.65 47.30 -19.25
N GLU B 249 9.87 47.53 -19.75
CA GLU B 249 10.26 46.94 -21.03
C GLU B 249 10.27 45.42 -20.96
N LEU B 250 10.98 44.85 -19.97
CA LEU B 250 11.02 43.40 -19.85
C LEU B 250 9.63 42.84 -19.58
N HIS B 251 8.84 43.52 -18.75
CA HIS B 251 7.51 43.02 -18.43
C HIS B 251 6.62 42.98 -19.67
N LYS B 252 6.68 44.03 -20.49
CA LYS B 252 5.87 44.05 -21.71
C LYS B 252 6.40 43.06 -22.75
N LEU B 253 7.71 42.81 -22.76
CA LEU B 253 8.25 41.84 -23.70
C LEU B 253 7.81 40.42 -23.35
N LEU B 254 7.93 40.03 -22.08
CA LEU B 254 7.64 38.66 -21.68
C LEU B 254 6.15 38.41 -21.47
N GLN B 255 5.30 39.42 -21.64
CA GLN B 255 3.88 39.25 -21.37
C GLN B 255 3.23 38.18 -22.25
N PRO B 256 3.40 38.18 -23.58
CA PRO B 256 2.68 37.19 -24.40
C PRO B 256 3.44 35.88 -24.57
N PHE B 257 4.43 35.63 -23.71
CA PHE B 257 5.26 34.44 -23.87
C PHE B 257 5.33 33.63 -22.58
N LEU B 258 5.31 34.29 -21.44
CA LEU B 258 5.44 33.64 -20.15
C LEU B 258 4.24 33.96 -19.27
N LEU B 259 3.86 32.98 -18.43
CA LEU B 259 2.74 33.16 -17.51
C LEU B 259 3.04 32.35 -16.26
N ARG B 260 3.51 33.04 -15.21
CA ARG B 260 3.82 32.42 -13.93
C ARG B 260 2.95 33.04 -12.84
N ARG B 261 2.39 32.19 -11.98
CA ARG B 261 1.61 32.64 -10.84
C ARG B 261 2.07 31.87 -9.61
N VAL B 262 2.45 32.60 -8.57
CA VAL B 262 2.86 31.97 -7.32
C VAL B 262 1.64 31.43 -6.59
N LYS B 263 1.86 30.41 -5.75
CA LYS B 263 0.78 29.87 -4.94
C LYS B 263 0.15 30.93 -4.05
N ALA B 264 0.92 31.94 -3.65
CA ALA B 264 0.39 32.99 -2.80
C ALA B 264 -0.58 33.89 -3.56
N GLU B 265 -0.44 33.98 -4.88
CA GLU B 265 -1.31 34.81 -5.69
C GLU B 265 -2.70 34.22 -5.91
N VAL B 266 -2.99 33.07 -5.31
CA VAL B 266 -4.24 32.36 -5.54
C VAL B 266 -4.95 32.18 -4.21
N ALA B 267 -6.02 32.97 -4.00
CA ALA B 267 -6.85 32.80 -2.83
C ALA B 267 -7.85 31.66 -2.97
N THR B 268 -8.20 31.29 -4.20
CA THR B 268 -9.08 30.16 -4.46
C THR B 268 -8.33 28.84 -4.52
N GLU B 269 -7.05 28.83 -4.09
CA GLU B 269 -6.30 27.58 -4.02
C GLU B 269 -6.94 26.66 -2.99
N LEU B 270 -6.84 25.35 -3.25
CA LEU B 270 -7.35 24.38 -2.31
C LEU B 270 -6.70 24.58 -0.94
N PRO B 271 -7.43 24.38 0.15
CA PRO B 271 -6.84 24.57 1.47
C PRO B 271 -5.57 23.74 1.63
N LYS B 272 -4.63 24.28 2.40
CA LYS B 272 -3.28 23.74 2.50
C LYS B 272 -3.24 22.27 2.92
N LYS B 273 -4.35 21.73 3.43
CA LYS B 273 -4.41 20.41 4.05
C LYS B 273 -3.14 20.12 4.86
N THR B 274 -2.90 21.01 5.82
CA THR B 274 -1.68 21.00 6.63
C THR B 274 -1.46 19.67 7.32
N GLU B 275 -0.42 18.94 6.91
CA GLU B 275 -0.05 17.71 7.57
C GLU B 275 0.66 18.05 8.88
N VAL B 276 0.08 17.63 10.00
CA VAL B 276 0.60 17.93 11.33
C VAL B 276 1.08 16.64 11.96
N VAL B 277 2.37 16.61 12.31
CA VAL B 277 2.94 15.50 13.06
C VAL B 277 2.82 15.82 14.54
N ILE B 278 2.03 15.02 15.25
CA ILE B 278 1.71 15.28 16.64
C ILE B 278 2.41 14.24 17.52
N TYR B 279 2.90 14.70 18.66
CA TYR B 279 3.81 13.92 19.50
C TYR B 279 3.06 13.40 20.73
N HIS B 280 3.30 12.13 21.06
CA HIS B 280 2.73 11.51 22.26
C HIS B 280 3.82 10.78 23.02
N GLY B 281 3.51 10.44 24.27
CA GLY B 281 4.43 9.75 25.14
C GLY B 281 4.34 8.24 25.06
N MET B 282 4.44 7.57 26.21
CA MET B 282 4.44 6.12 26.27
C MET B 282 3.57 5.67 27.43
N SER B 283 3.69 4.39 27.77
CA SER B 283 3.06 3.82 28.96
C SER B 283 4.08 2.95 29.67
N ALA B 284 3.83 2.68 30.95
CA ALA B 284 4.72 1.80 31.71
C ALA B 284 4.85 0.44 31.04
N LEU B 285 3.72 -0.14 30.64
CA LEU B 285 3.75 -1.40 29.89
C LEU B 285 4.51 -1.24 28.59
N GLN B 286 4.32 -0.12 27.89
CA GLN B 286 4.98 0.09 26.61
C GLN B 286 6.49 0.14 26.77
N LYS B 287 6.98 0.93 27.72
CA LYS B 287 8.43 1.03 27.91
C LYS B 287 9.02 -0.28 28.42
N LYS B 288 8.33 -0.93 29.35
CA LYS B 288 8.81 -2.21 29.89
C LYS B 288 8.92 -3.25 28.77
N TYR B 289 7.89 -3.37 27.94
CA TYR B 289 7.94 -4.34 26.85
C TYR B 289 8.91 -3.91 25.76
N TYR B 290 9.12 -2.61 25.56
CA TYR B 290 10.13 -2.15 24.62
C TYR B 290 11.52 -2.60 25.04
N LYS B 291 11.89 -2.31 26.29
CA LYS B 291 13.19 -2.75 26.77
C LYS B 291 13.28 -4.26 26.94
N ALA B 292 12.14 -4.95 27.03
CA ALA B 292 12.17 -6.41 27.09
C ALA B 292 12.44 -7.02 25.71
N ILE B 293 11.71 -6.54 24.69
CA ILE B 293 11.89 -7.09 23.35
C ILE B 293 13.20 -6.61 22.72
N LEU B 294 13.78 -5.52 23.22
CA LEU B 294 15.13 -5.17 22.79
C LEU B 294 16.16 -6.16 23.33
N MET B 295 15.89 -6.74 24.50
CA MET B 295 16.77 -7.72 25.11
C MET B 295 16.30 -9.15 24.88
N LYS B 296 15.41 -9.36 23.90
CA LYS B 296 14.85 -10.68 23.67
C LYS B 296 15.91 -11.66 23.17
N ASP B 297 16.49 -11.39 22.01
CA ASP B 297 17.52 -12.24 21.43
C ASP B 297 18.92 -11.68 21.59
N LEU B 298 19.07 -10.49 22.16
CA LEU B 298 20.33 -9.88 22.56
C LEU B 298 21.22 -9.48 21.38
N ASP B 299 20.72 -9.59 20.14
CA ASP B 299 21.48 -9.22 18.95
C ASP B 299 22.82 -9.98 18.92
N ALA B 300 22.70 -11.31 18.84
CA ALA B 300 23.87 -12.16 19.01
C ALA B 300 24.84 -12.05 17.84
N PHE B 301 24.30 -11.93 16.62
CA PHE B 301 25.14 -12.02 15.43
C PHE B 301 25.93 -10.72 15.23
N GLU B 302 27.04 -10.85 14.51
CA GLU B 302 28.09 -9.83 14.55
C GLU B 302 27.73 -8.59 13.73
N ASN B 303 27.34 -8.77 12.47
CA ASN B 303 27.15 -7.60 11.61
C ASN B 303 25.86 -7.69 10.79
N GLU B 304 25.80 -8.62 9.85
CA GLU B 304 24.68 -8.68 8.92
C GLU B 304 24.20 -10.09 8.61
N THR B 305 24.77 -11.12 9.22
CA THR B 305 24.39 -12.49 8.87
C THR B 305 22.95 -12.79 9.29
N ALA B 306 22.55 -12.33 10.48
CA ALA B 306 21.16 -12.43 10.90
C ALA B 306 20.59 -11.11 11.40
N LYS B 307 21.42 -10.09 11.63
CA LYS B 307 20.90 -8.80 12.06
C LYS B 307 20.00 -8.17 11.00
N LYS B 308 20.28 -8.42 9.72
CA LYS B 308 19.47 -7.82 8.66
C LYS B 308 17.99 -8.24 8.75
N VAL B 309 17.72 -9.43 9.27
CA VAL B 309 16.36 -9.93 9.41
C VAL B 309 15.89 -9.89 10.86
N LYS B 310 16.80 -10.12 11.81
CA LYS B 310 16.44 -10.02 13.21
C LYS B 310 16.02 -8.60 13.57
N LEU B 311 16.75 -7.60 13.05
CA LEU B 311 16.37 -6.21 13.30
C LEU B 311 15.08 -5.84 12.58
N GLN B 312 14.79 -6.47 11.44
CA GLN B 312 13.50 -6.26 10.79
C GLN B 312 12.35 -6.75 11.67
N ASN B 313 12.48 -7.98 12.17
CA ASN B 313 11.48 -8.48 13.12
C ASN B 313 11.39 -7.60 14.36
N ILE B 314 12.55 -7.13 14.84
CA ILE B 314 12.57 -6.30 16.05
C ILE B 314 11.83 -5.00 15.80
N LEU B 315 12.10 -4.34 14.67
CA LEU B 315 11.42 -3.09 14.34
C LEU B 315 9.92 -3.31 14.17
N SER B 316 9.53 -4.42 13.55
CA SER B 316 8.12 -4.75 13.46
C SER B 316 7.48 -4.81 14.85
N GLN B 317 8.09 -5.58 15.76
CA GLN B 317 7.54 -5.69 17.10
C GLN B 317 7.61 -4.37 17.86
N LEU B 318 8.60 -3.54 17.57
CA LEU B 318 8.72 -2.25 18.25
C LEU B 318 7.59 -1.32 17.86
N ARG B 319 7.34 -1.18 16.56
CA ARG B 319 6.21 -0.37 16.11
C ARG B 319 4.89 -0.98 16.57
N LYS B 320 4.82 -2.31 16.66
CA LYS B 320 3.63 -2.96 17.23
C LYS B 320 3.41 -2.53 18.68
N CYS B 321 4.46 -2.51 19.48
CA CYS B 321 4.35 -2.11 20.87
C CYS B 321 4.01 -0.62 21.00
N VAL B 322 4.59 0.20 20.12
CA VAL B 322 4.31 1.64 20.16
C VAL B 322 2.86 1.91 19.82
N ASP B 323 2.31 1.18 18.85
CA ASP B 323 0.88 1.27 18.58
C ASP B 323 0.07 0.89 19.81
N HIS B 324 0.33 -0.30 20.35
CA HIS B 324 -0.36 -0.83 21.54
C HIS B 324 0.26 -2.17 21.92
N PRO B 325 0.55 -2.39 23.21
CA PRO B 325 1.21 -3.65 23.60
C PRO B 325 0.33 -4.87 23.43
N TYR B 326 -0.99 -4.71 23.27
CA TYR B 326 -1.88 -5.86 23.21
C TYR B 326 -1.74 -6.67 21.94
N LEU B 327 -0.84 -6.27 21.03
CA LEU B 327 -0.63 -7.05 19.80
C LEU B 327 -0.06 -8.42 20.11
N PHE B 328 0.89 -8.49 21.04
CA PHE B 328 1.46 -9.77 21.42
C PHE B 328 0.43 -10.61 22.18
N ASP B 329 0.60 -11.92 22.13
CA ASP B 329 -0.45 -12.83 22.59
C ASP B 329 -0.63 -12.77 24.11
N GLY B 330 0.46 -12.66 24.86
CA GLY B 330 0.42 -12.77 26.29
C GLY B 330 0.33 -11.48 27.09
N VAL B 331 0.25 -10.32 26.42
CA VAL B 331 0.23 -9.06 27.15
C VAL B 331 -1.14 -8.80 27.77
N GLU B 332 -2.20 -9.21 27.09
CA GLU B 332 -3.54 -8.96 27.59
C GLU B 332 -3.78 -9.73 28.89
N PRO B 333 -4.39 -9.10 29.89
CA PRO B 333 -4.63 -9.80 31.16
C PRO B 333 -5.64 -10.93 30.99
N GLU B 334 -5.54 -11.91 31.90
CA GLU B 334 -6.40 -13.08 31.79
C GLU B 334 -7.88 -12.75 31.94
N PRO B 335 -8.31 -11.87 32.85
CA PRO B 335 -9.70 -11.38 32.79
C PRO B 335 -9.91 -10.56 31.52
N PHE B 336 -10.86 -10.99 30.71
CA PHE B 336 -11.10 -10.40 29.38
C PHE B 336 -12.36 -9.55 29.42
N GLU B 337 -12.20 -8.24 29.60
CA GLU B 337 -13.31 -7.30 29.54
C GLU B 337 -12.78 -5.88 29.28
N VAL B 338 -13.36 -5.18 28.30
CA VAL B 338 -12.91 -3.83 27.97
C VAL B 338 -13.13 -2.91 29.15
N GLY B 339 -12.20 -1.97 29.35
CA GLY B 339 -12.38 -0.92 30.32
C GLY B 339 -11.63 0.33 29.93
N ASP B 340 -11.36 1.19 30.91
CA ASP B 340 -10.60 2.41 30.70
C ASP B 340 -9.10 2.16 30.61
N HIS B 341 -8.67 0.90 30.48
CA HIS B 341 -7.26 0.60 30.37
C HIS B 341 -6.77 0.54 28.92
N LEU B 342 -7.66 0.34 27.95
CA LEU B 342 -7.26 0.42 26.55
C LEU B 342 -6.66 1.78 26.23
N THR B 343 -7.26 2.84 26.77
CA THR B 343 -6.72 4.19 26.57
C THR B 343 -5.42 4.39 27.34
N GLU B 344 -5.30 3.79 28.51
CA GLU B 344 -4.14 4.01 29.38
C GLU B 344 -2.99 3.06 29.12
N ALA B 345 -3.23 1.94 28.42
CA ALA B 345 -2.16 1.00 28.12
C ALA B 345 -1.30 1.43 26.95
N SER B 346 -1.58 2.58 26.34
CA SER B 346 -0.82 3.06 25.20
C SER B 346 -1.02 4.56 25.09
N GLY B 347 0.08 5.33 25.20
CA GLY B 347 -0.02 6.76 25.03
C GLY B 347 -0.51 7.17 23.66
N LYS B 348 -0.20 6.36 22.64
CA LYS B 348 -0.70 6.61 21.30
C LYS B 348 -2.22 6.53 21.26
N LEU B 349 -2.79 5.49 21.85
CA LEU B 349 -4.25 5.36 21.87
C LEU B 349 -4.89 6.42 22.77
N HIS B 350 -4.18 6.88 23.80
CA HIS B 350 -4.69 7.95 24.64
C HIS B 350 -4.77 9.27 23.86
N LEU B 351 -3.70 9.58 23.12
CA LEU B 351 -3.73 10.76 22.25
C LEU B 351 -4.81 10.63 21.19
N LEU B 352 -4.99 9.42 20.64
CA LEU B 352 -6.05 9.21 19.66
C LEU B 352 -7.42 9.43 20.29
N ASP B 353 -7.59 8.99 21.54
CA ASP B 353 -8.86 9.20 22.24
C ASP B 353 -9.15 10.69 22.39
N LYS B 354 -8.18 11.46 22.88
CA LYS B 354 -8.40 12.89 23.05
C LYS B 354 -8.63 13.58 21.69
N LEU B 355 -7.90 13.15 20.66
CA LEU B 355 -8.05 13.77 19.35
C LEU B 355 -9.41 13.47 18.74
N LEU B 356 -9.89 12.24 18.89
CA LEU B 356 -11.22 11.90 18.38
C LEU B 356 -12.31 12.61 19.18
N ALA B 357 -12.10 12.80 20.50
CA ALA B 357 -13.04 13.60 21.27
C ALA B 357 -13.10 15.03 20.74
N PHE B 358 -11.94 15.62 20.46
CA PHE B 358 -11.92 16.98 19.92
C PHE B 358 -12.56 17.04 18.54
N LEU B 359 -12.35 16.01 17.71
CA LEU B 359 -12.95 15.98 16.39
C LEU B 359 -14.47 15.87 16.47
N TYR B 360 -14.98 15.06 17.40
CA TYR B 360 -16.42 14.98 17.60
C TYR B 360 -16.97 16.30 18.12
N SER B 361 -16.22 16.97 19.00
CA SER B 361 -16.66 18.27 19.49
C SER B 361 -16.71 19.30 18.37
N GLY B 362 -15.77 19.22 17.43
CA GLY B 362 -15.79 20.11 16.27
C GLY B 362 -16.70 19.65 15.15
N GLY B 363 -17.09 18.38 15.15
CA GLY B 363 -17.97 17.87 14.12
C GLY B 363 -17.27 17.48 12.84
N HIS B 364 -16.08 16.91 12.92
CA HIS B 364 -15.29 16.54 11.76
C HIS B 364 -15.30 15.02 11.62
N ARG B 365 -15.84 14.53 10.51
CA ARG B 365 -15.83 13.11 10.21
C ARG B 365 -14.46 12.72 9.67
N VAL B 366 -13.85 11.69 10.24
CA VAL B 366 -12.43 11.44 10.10
C VAL B 366 -12.17 10.05 9.54
N LEU B 367 -11.07 9.93 8.80
CA LEU B 367 -10.56 8.67 8.28
C LEU B 367 -9.42 8.18 9.17
N LEU B 368 -9.26 6.86 9.23
CA LEU B 368 -8.24 6.23 10.08
C LEU B 368 -7.77 4.98 9.39
N PHE B 369 -6.56 5.02 8.84
CA PHE B 369 -5.99 3.91 8.09
C PHE B 369 -5.30 2.93 9.04
N SER B 370 -4.77 1.84 8.46
CA SER B 370 -4.08 0.83 9.25
C SER B 370 -3.27 -0.11 8.38
N GLN B 371 -1.94 -0.13 8.59
CA GLN B 371 -1.12 -1.16 7.98
C GLN B 371 -1.27 -2.49 8.70
N MET B 372 -1.51 -2.45 10.02
CA MET B 372 -1.69 -3.66 10.82
C MET B 372 -3.18 -3.90 10.99
N THR B 373 -3.67 -5.03 10.48
CA THR B 373 -5.09 -5.35 10.57
C THR B 373 -5.50 -5.77 11.99
N GLN B 374 -4.55 -6.21 12.81
CA GLN B 374 -4.88 -6.45 14.21
C GLN B 374 -5.05 -5.13 14.95
N MET B 375 -4.24 -4.12 14.59
CA MET B 375 -4.53 -2.76 15.05
C MET B 375 -5.89 -2.30 14.55
N LEU B 376 -6.29 -2.74 13.35
CA LEU B 376 -7.64 -2.47 12.88
C LEU B 376 -8.69 -3.08 13.80
N ASP B 377 -8.50 -4.35 14.19
CA ASP B 377 -9.44 -5.00 15.09
C ASP B 377 -9.52 -4.28 16.43
N ILE B 378 -8.38 -3.83 16.94
CA ILE B 378 -8.37 -3.22 18.26
C ILE B 378 -8.95 -1.81 18.22
N LEU B 379 -8.72 -1.08 17.12
CA LEU B 379 -9.40 0.20 16.94
C LEU B 379 -10.89 0.00 16.81
N GLN B 380 -11.32 -1.07 16.13
CA GLN B 380 -12.74 -1.39 16.03
C GLN B 380 -13.33 -1.67 17.40
N ASP B 381 -12.61 -2.44 18.23
CA ASP B 381 -13.08 -2.70 19.58
C ASP B 381 -13.16 -1.42 20.41
N TYR B 382 -12.20 -0.52 20.23
CA TYR B 382 -12.24 0.77 20.94
C TYR B 382 -13.45 1.59 20.50
N MET B 383 -13.75 1.60 19.19
CA MET B 383 -14.91 2.32 18.71
C MET B 383 -16.20 1.73 19.28
N ASP B 384 -16.31 0.40 19.31
CA ASP B 384 -17.48 -0.23 19.89
C ASP B 384 -17.56 0.01 21.39
N TYR B 385 -16.41 0.25 22.03
CA TYR B 385 -16.39 0.56 23.46
C TYR B 385 -16.94 1.97 23.72
N ARG B 386 -16.25 2.99 23.20
CA ARG B 386 -16.65 4.36 23.48
C ARG B 386 -17.85 4.83 22.66
N GLY B 387 -18.36 3.99 21.76
CA GLY B 387 -19.57 4.33 21.03
C GLY B 387 -19.36 5.33 19.91
N TYR B 388 -18.68 4.91 18.84
CA TYR B 388 -18.51 5.71 17.64
C TYR B 388 -18.98 4.90 16.44
N SER B 389 -19.63 5.58 15.50
CA SER B 389 -20.07 4.93 14.27
C SER B 389 -18.91 4.80 13.29
N TYR B 390 -18.86 3.67 12.60
CA TYR B 390 -17.71 3.39 11.74
C TYR B 390 -18.07 2.32 10.72
N GLU B 391 -17.19 2.16 9.73
CA GLU B 391 -17.24 1.04 8.81
C GLU B 391 -15.92 0.29 8.88
N ARG B 392 -15.58 -0.48 7.84
CA ARG B 392 -14.34 -1.25 7.84
C ARG B 392 -13.76 -1.21 6.42
N VAL B 393 -12.78 -2.07 6.17
CA VAL B 393 -12.10 -2.15 4.88
C VAL B 393 -12.26 -3.53 4.24
N ASP B 394 -12.15 -4.59 5.03
CA ASP B 394 -12.38 -5.95 4.57
C ASP B 394 -12.64 -6.83 5.78
N GLY B 395 -12.84 -8.12 5.53
CA GLY B 395 -13.15 -9.06 6.62
C GLY B 395 -14.64 -9.10 6.91
N SER B 396 -15.02 -8.63 8.09
CA SER B 396 -16.43 -8.55 8.47
C SER B 396 -16.57 -7.57 9.63
N VAL B 397 -17.53 -6.65 9.52
CA VAL B 397 -17.78 -5.65 10.54
C VAL B 397 -19.13 -5.95 11.18
N ARG B 398 -19.26 -5.54 12.45
CA ARG B 398 -20.47 -5.78 13.21
C ARG B 398 -20.96 -4.56 13.99
N GLY B 399 -20.13 -3.54 14.17
CA GLY B 399 -20.51 -2.36 14.92
C GLY B 399 -21.75 -1.68 14.39
N GLU B 400 -21.72 -1.27 13.12
CA GLU B 400 -22.89 -0.73 12.45
C GLU B 400 -23.68 -1.80 11.71
N GLU B 401 -23.41 -3.08 11.99
CA GLU B 401 -24.24 -4.18 11.52
C GLU B 401 -24.82 -4.88 12.74
N ARG B 402 -25.12 -6.18 12.62
CA ARG B 402 -25.51 -7.02 13.75
C ARG B 402 -26.77 -6.42 14.37
N HIS B 403 -26.78 -6.12 15.68
CA HIS B 403 -27.94 -5.52 16.33
C HIS B 403 -27.63 -4.18 16.99
N LEU B 404 -26.36 -3.77 17.05
CA LEU B 404 -25.99 -2.47 17.59
C LEU B 404 -26.20 -1.34 16.58
N ALA B 405 -26.60 -1.67 15.34
CA ALA B 405 -26.75 -0.65 14.31
C ALA B 405 -27.87 0.33 14.60
N ILE B 406 -28.87 -0.06 15.38
CA ILE B 406 -30.01 0.81 15.61
C ILE B 406 -29.62 2.01 16.48
N LYS B 407 -28.79 1.79 17.50
CA LYS B 407 -28.41 2.85 18.41
C LYS B 407 -26.95 2.71 18.81
N ASN B 408 -26.23 3.83 18.74
CA ASN B 408 -24.86 3.93 19.23
C ASN B 408 -24.76 5.19 20.08
N PHE B 409 -23.80 5.20 21.00
CA PHE B 409 -23.61 6.40 21.82
C PHE B 409 -23.15 7.58 20.99
N GLY B 410 -22.45 7.32 19.88
CA GLY B 410 -22.19 8.37 18.91
C GLY B 410 -23.37 8.55 17.97
N GLN B 411 -23.26 9.57 17.13
CA GLN B 411 -24.29 9.81 16.13
C GLN B 411 -24.39 8.61 15.19
N GLN B 412 -25.63 8.21 14.89
CA GLN B 412 -25.84 7.07 13.99
C GLN B 412 -25.17 7.24 12.63
N PRO B 413 -25.20 8.42 11.98
CA PRO B 413 -24.41 8.58 10.76
C PRO B 413 -22.93 8.34 11.02
N ILE B 414 -22.25 7.79 10.02
CA ILE B 414 -20.85 7.40 10.17
C ILE B 414 -20.01 8.61 10.55
N PHE B 415 -19.13 8.42 11.53
CA PHE B 415 -18.23 9.45 12.02
C PHE B 415 -16.76 9.11 11.79
N VAL B 416 -16.38 7.85 11.95
CA VAL B 416 -15.01 7.38 11.68
C VAL B 416 -15.09 6.37 10.55
N PHE B 417 -14.14 6.44 9.63
CA PHE B 417 -13.95 5.40 8.63
C PHE B 417 -12.66 4.66 8.91
N LEU B 418 -12.70 3.33 8.78
CA LEU B 418 -11.53 2.49 8.99
C LEU B 418 -11.08 1.92 7.66
N LEU B 419 -9.81 2.13 7.34
CA LEU B 419 -9.27 1.75 6.04
C LEU B 419 -7.94 1.03 6.22
N SER B 420 -7.48 0.41 5.13
CA SER B 420 -6.19 -0.25 5.08
C SER B 420 -5.52 0.09 3.75
N THR B 421 -4.19 0.17 3.78
CA THR B 421 -3.47 0.65 2.61
C THR B 421 -3.42 -0.40 1.50
N ARG B 422 -3.22 -1.67 1.87
CA ARG B 422 -3.19 -2.73 0.87
C ARG B 422 -4.56 -2.97 0.26
N ALA B 423 -5.61 -2.90 1.07
CA ALA B 423 -6.97 -3.12 0.62
C ALA B 423 -7.71 -1.80 0.34
N GLY B 424 -6.96 -0.76 0.01
CA GLY B 424 -7.55 0.53 -0.34
C GLY B 424 -8.07 0.63 -1.75
N GLY B 425 -7.85 -0.38 -2.58
CA GLY B 425 -8.34 -0.41 -3.94
C GLY B 425 -9.75 -0.93 -4.11
N VAL B 426 -10.48 -1.13 -3.02
CA VAL B 426 -11.85 -1.63 -3.12
C VAL B 426 -12.76 -0.58 -3.75
N GLY B 427 -12.51 0.70 -3.44
CA GLY B 427 -13.30 1.77 -4.03
C GLY B 427 -14.48 2.20 -3.18
N MET B 428 -14.38 3.36 -2.55
CA MET B 428 -15.45 3.91 -1.74
C MET B 428 -15.54 5.41 -1.97
N ASN B 429 -16.66 5.99 -1.56
CA ASN B 429 -16.92 7.42 -1.68
C ASN B 429 -16.92 8.03 -0.29
N LEU B 430 -15.97 8.94 -0.04
CA LEU B 430 -15.82 9.59 1.27
C LEU B 430 -15.71 11.10 1.07
N THR B 431 -16.77 11.71 0.53
CA THR B 431 -16.75 13.14 0.26
C THR B 431 -16.84 13.96 1.53
N ALA B 432 -17.49 13.43 2.57
CA ALA B 432 -17.68 14.20 3.80
C ALA B 432 -16.42 14.29 4.65
N ALA B 433 -15.47 13.38 4.45
CA ALA B 433 -14.27 13.36 5.29
C ALA B 433 -13.43 14.60 5.04
N ASP B 434 -13.11 15.33 6.12
CA ASP B 434 -12.21 16.47 6.05
C ASP B 434 -11.04 16.33 7.03
N THR B 435 -10.84 15.15 7.60
CA THR B 435 -9.74 14.91 8.52
C THR B 435 -9.25 13.48 8.33
N VAL B 436 -7.94 13.31 8.34
CA VAL B 436 -7.31 12.00 8.19
C VAL B 436 -6.34 11.81 9.35
N ILE B 437 -6.27 10.59 9.88
CA ILE B 437 -5.34 10.27 10.96
C ILE B 437 -4.50 9.08 10.53
N PHE B 438 -3.18 9.23 10.62
CA PHE B 438 -2.24 8.16 10.30
C PHE B 438 -1.57 7.68 11.58
N VAL B 439 -2.33 6.93 12.37
CA VAL B 439 -1.78 6.32 13.59
C VAL B 439 -0.66 5.36 13.23
N ASP B 440 -0.91 4.46 12.29
CA ASP B 440 0.05 3.45 11.85
C ASP B 440 0.76 4.00 10.61
N SER B 441 1.80 4.79 10.84
CA SER B 441 2.51 5.42 9.75
C SER B 441 3.31 4.41 8.95
N ASP B 442 3.13 4.41 7.64
CA ASP B 442 3.89 3.52 6.76
C ASP B 442 5.33 4.01 6.63
N PHE B 443 6.24 3.07 6.38
CA PHE B 443 7.63 3.45 6.19
C PHE B 443 7.86 4.17 4.86
N ASN B 444 6.90 4.09 3.94
CA ASN B 444 6.94 4.84 2.69
C ASN B 444 5.64 5.62 2.56
N PRO B 445 5.68 6.95 2.47
CA PRO B 445 4.45 7.74 2.32
C PRO B 445 3.82 7.68 0.94
N GLN B 446 4.48 7.02 -0.01
CA GLN B 446 3.91 6.89 -1.36
C GLN B 446 2.55 6.20 -1.32
N ASN B 447 2.40 5.20 -0.43
CA ASN B 447 1.09 4.59 -0.23
C ASN B 447 0.13 5.58 0.40
N ASP B 448 0.62 6.40 1.34
CA ASP B 448 -0.22 7.37 2.01
C ASP B 448 -0.75 8.44 1.07
N LEU B 449 -0.07 8.71 -0.04
CA LEU B 449 -0.59 9.72 -0.98
C LEU B 449 -1.88 9.23 -1.61
N GLN B 450 -1.90 8.00 -2.14
CA GLN B 450 -3.15 7.46 -2.68
C GLN B 450 -4.15 7.16 -1.57
N ALA B 451 -3.68 6.93 -0.35
CA ALA B 451 -4.59 6.78 0.78
C ALA B 451 -5.36 8.06 1.03
N ALA B 452 -4.66 9.21 1.07
CA ALA B 452 -5.27 10.49 1.34
C ALA B 452 -5.95 11.11 0.12
N ALA B 453 -5.70 10.59 -1.08
CA ALA B 453 -6.39 11.09 -2.26
C ALA B 453 -7.91 10.98 -2.15
N ARG B 454 -8.42 10.07 -1.30
CA ARG B 454 -9.86 9.86 -1.18
C ARG B 454 -10.57 10.98 -0.44
N ALA B 455 -9.84 11.87 0.24
CA ALA B 455 -10.48 12.91 1.02
C ALA B 455 -11.15 13.96 0.14
N HIS B 456 -10.51 14.31 -0.98
CA HIS B 456 -11.07 15.30 -1.90
C HIS B 456 -11.68 14.63 -3.12
N ARG B 457 -10.83 14.30 -4.10
CA ARG B 457 -11.28 13.71 -5.37
C ARG B 457 -12.33 14.58 -6.04
N SER B 463 -11.25 22.07 3.58
CA SER B 463 -10.20 22.31 4.56
C SER B 463 -9.77 21.01 5.24
N VAL B 464 -9.11 20.14 4.48
CA VAL B 464 -8.68 18.86 5.02
C VAL B 464 -7.54 19.08 6.01
N LYS B 465 -7.39 18.11 6.92
CA LYS B 465 -6.33 18.13 7.92
C LYS B 465 -5.79 16.72 8.08
N VAL B 466 -4.52 16.51 7.74
CA VAL B 466 -3.87 15.21 7.87
C VAL B 466 -3.02 15.22 9.13
N ILE B 467 -3.21 14.22 9.98
CA ILE B 467 -2.56 14.13 11.28
C ILE B 467 -1.88 12.77 11.39
N ARG B 468 -0.72 12.74 12.03
CA ARG B 468 0.03 11.51 12.23
C ARG B 468 0.48 11.43 13.69
N LEU B 469 -0.06 10.46 14.43
CA LEU B 469 0.36 10.24 15.80
C LEU B 469 1.62 9.39 15.82
N ILE B 470 2.70 9.92 16.36
CA ILE B 470 3.93 9.18 16.57
C ILE B 470 4.52 9.55 17.93
N GLY B 471 5.08 8.56 18.62
CA GLY B 471 5.63 8.80 19.94
C GLY B 471 6.98 9.50 19.88
N ARG B 472 7.19 10.42 20.81
CA ARG B 472 8.44 11.16 20.87
C ARG B 472 9.60 10.25 21.21
N ASP B 473 10.72 10.48 20.54
CA ASP B 473 11.98 9.81 20.87
C ASP B 473 11.81 8.30 20.85
N THR B 474 11.16 7.82 19.79
CA THR B 474 10.89 6.41 19.58
C THR B 474 11.26 6.03 18.15
N VAL B 475 11.05 4.75 17.82
CA VAL B 475 11.41 4.27 16.50
C VAL B 475 10.56 4.93 15.42
N GLU B 476 9.29 5.21 15.75
CA GLU B 476 8.42 5.89 14.79
C GLU B 476 8.98 7.25 14.41
N GLU B 477 9.64 7.93 15.35
CA GLU B 477 10.22 9.24 15.07
C GLU B 477 11.20 9.17 13.90
N ILE B 478 12.17 8.25 13.96
CA ILE B 478 13.13 8.14 12.85
C ILE B 478 12.46 7.58 11.62
N VAL B 479 11.56 6.62 11.78
CA VAL B 479 10.92 6.04 10.61
C VAL B 479 10.28 7.14 9.78
N TYR B 480 9.53 8.03 10.44
CA TYR B 480 8.88 9.10 9.70
C TYR B 480 9.83 10.21 9.30
N ARG B 481 10.87 10.50 10.08
CA ARG B 481 11.81 11.53 9.66
C ARG B 481 12.60 11.10 8.43
N LYS B 482 13.02 9.83 8.39
CA LYS B 482 13.67 9.27 7.22
C LYS B 482 12.70 9.22 6.04
N ALA B 483 11.43 8.89 6.30
CA ALA B 483 10.44 8.89 5.24
C ALA B 483 10.24 10.28 4.65
N ALA B 484 10.24 11.31 5.50
CA ALA B 484 10.05 12.68 5.02
C ALA B 484 11.28 13.18 4.28
N SER B 485 12.48 12.81 4.77
CA SER B 485 13.70 13.21 4.07
C SER B 485 13.81 12.52 2.71
N LYS B 486 13.34 11.27 2.63
CA LYS B 486 13.34 10.56 1.35
C LYS B 486 12.26 11.10 0.41
N LEU B 487 11.13 11.53 0.97
CA LEU B 487 10.06 12.12 0.16
C LEU B 487 10.50 13.44 -0.47
N GLN B 488 11.40 14.17 0.20
CA GLN B 488 11.97 15.39 -0.37
C GLN B 488 13.04 15.11 -1.40
N LEU B 489 13.51 13.86 -1.52
CA LEU B 489 14.48 13.49 -2.54
C LEU B 489 13.80 13.02 -3.82
N THR B 490 12.84 13.82 -4.29
CA THR B 490 12.09 13.51 -5.51
C THR B 490 12.17 14.60 -6.56
N ASN B 491 12.06 15.87 -6.16
CA ASN B 491 12.15 16.97 -7.12
C ASN B 491 13.61 17.31 -7.42
N MET B 492 14.36 17.72 -6.40
CA MET B 492 15.78 18.01 -6.55
C MET B 492 16.56 16.81 -6.03
N ILE B 493 16.70 15.81 -6.88
CA ILE B 493 17.39 14.57 -6.52
C ILE B 493 18.90 14.77 -6.56
N GLN B 513 23.78 1.25 9.52
CA GLN B 513 22.60 1.96 9.06
C GLN B 513 21.34 1.54 9.80
N LEU B 514 20.75 0.42 9.36
CA LEU B 514 19.53 -0.07 10.00
C LEU B 514 19.74 -0.31 11.49
N SER B 515 20.95 -0.76 11.88
CA SER B 515 21.28 -0.84 13.30
C SER B 515 21.16 0.52 13.97
N GLU B 516 21.93 1.50 13.48
CA GLU B 516 21.95 2.82 14.11
C GLU B 516 20.58 3.46 14.12
N ILE B 517 19.90 3.46 12.98
CA ILE B 517 18.54 4.01 12.90
C ILE B 517 17.63 3.32 13.91
N LEU B 518 17.68 1.98 13.96
CA LEU B 518 16.86 1.24 14.92
C LEU B 518 17.14 1.69 16.35
N LYS B 519 18.41 1.93 16.67
CA LYS B 519 18.79 2.14 18.06
C LYS B 519 18.07 3.35 18.65
N PHE B 520 18.14 4.48 17.95
CA PHE B 520 17.56 5.76 18.39
C PHE B 520 17.77 6.01 19.88
N GLY B 521 19.04 6.03 20.28
CA GLY B 521 19.39 6.17 21.67
C GLY B 521 18.94 7.45 22.32
N LEU B 522 17.66 7.55 22.65
CA LEU B 522 17.15 8.63 23.49
C LEU B 522 16.57 8.13 24.79
N ASP B 523 16.90 6.89 25.19
CA ASP B 523 16.28 6.25 26.36
C ASP B 523 16.54 7.01 27.65
N LYS B 524 17.48 7.95 27.67
CA LYS B 524 17.64 8.81 28.84
C LYS B 524 16.33 9.51 29.19
N LEU B 525 15.52 9.82 28.18
CA LEU B 525 14.20 10.39 28.42
C LEU B 525 13.20 9.33 28.87
N LEU B 526 13.34 8.10 28.41
CA LEU B 526 12.51 6.99 28.88
C LEU B 526 13.21 6.20 30.00
N ALA B 527 14.20 6.81 30.67
CA ALA B 527 14.88 6.14 31.78
C ALA B 527 14.12 6.24 33.09
N SER B 528 13.15 7.16 33.18
CA SER B 528 12.35 7.32 34.38
C SER B 528 11.41 6.13 34.63
N GLU B 529 11.28 5.23 33.66
CA GLU B 529 10.45 4.03 33.75
C GLU B 529 8.97 4.35 33.94
N GLY B 530 8.59 5.63 33.90
CA GLY B 530 7.21 6.03 33.98
C GLY B 530 6.54 5.92 32.62
N SER B 531 5.36 6.54 32.52
CA SER B 531 4.64 6.57 31.26
C SER B 531 4.87 7.84 30.46
N THR B 532 5.17 8.95 31.14
CA THR B 532 5.27 10.27 30.51
C THR B 532 4.02 10.58 29.69
N MET B 533 2.86 10.29 30.30
CA MET B 533 1.59 10.48 29.61
C MET B 533 1.39 11.95 29.27
N ASP B 534 1.21 12.23 27.98
CA ASP B 534 1.06 13.60 27.52
C ASP B 534 -0.24 14.19 28.04
N GLU B 535 -0.15 15.40 28.61
CA GLU B 535 -1.33 16.16 28.98
C GLU B 535 -1.27 17.62 28.55
N ILE B 536 -0.16 18.09 28.00
CA ILE B 536 -0.13 19.40 27.38
C ILE B 536 -1.04 19.43 26.16
N ASP B 537 -1.34 18.26 25.58
CA ASP B 537 -2.16 18.19 24.38
C ASP B 537 -3.62 18.58 24.64
N LEU B 538 -4.09 18.47 25.88
CA LEU B 538 -5.46 18.87 26.18
C LEU B 538 -5.70 20.34 25.83
N GLU B 539 -4.67 21.18 26.00
CA GLU B 539 -4.72 22.57 25.58
C GLU B 539 -4.06 22.79 24.22
N SER B 540 -3.01 22.04 23.92
CA SER B 540 -2.29 22.22 22.66
C SER B 540 -3.16 21.85 21.46
N ILE B 541 -4.13 20.96 21.63
CA ILE B 541 -5.01 20.59 20.52
C ILE B 541 -5.91 21.76 20.16
N LEU B 542 -6.50 22.42 21.17
CA LEU B 542 -7.24 23.65 20.91
C LEU B 542 -6.32 24.74 20.38
N GLY B 543 -5.05 24.72 20.79
CA GLY B 543 -4.08 25.67 20.25
C GLY B 543 -3.53 25.33 18.88
N GLU B 544 -3.89 24.17 18.33
CA GLU B 544 -3.43 23.77 17.01
C GLU B 544 -4.40 24.13 15.89
N THR B 545 -5.70 24.14 16.18
CA THR B 545 -6.70 24.47 15.17
C THR B 545 -7.91 25.09 15.84
N LYS B 546 -8.36 26.23 15.32
CA LYS B 546 -9.58 26.88 15.77
C LYS B 546 -10.68 26.51 14.78
N ASP B 547 -11.39 25.42 15.07
CA ASP B 547 -12.36 24.89 14.13
C ASP B 547 -13.49 25.88 13.87
N GLY B 548 -13.88 25.99 12.60
CA GLY B 548 -15.05 26.74 12.23
C GLY B 548 -16.32 26.03 12.69
N GLN B 549 -17.46 26.64 12.36
CA GLN B 549 -18.72 26.10 12.82
C GLN B 549 -19.10 24.80 12.11
N TRP B 550 -18.49 24.52 10.97
CA TRP B 550 -18.76 23.25 10.26
C TRP B 550 -17.55 22.63 9.59
N VAL B 551 -16.47 23.37 9.36
CA VAL B 551 -15.25 22.83 8.77
C VAL B 551 -14.04 23.38 9.53
N SER B 552 -12.88 22.81 9.25
CA SER B 552 -11.66 23.28 9.87
C SER B 552 -11.33 24.69 9.41
N ASP B 553 -10.93 25.55 10.35
CA ASP B 553 -10.62 26.95 10.08
C ASP B 553 -9.20 27.22 10.54
N ALA B 554 -8.24 26.97 9.64
CA ALA B 554 -6.82 27.22 9.90
C ALA B 554 -6.34 26.54 11.18
N GLU B 567 6.06 23.86 15.05
CA GLU B 567 7.11 22.96 15.50
C GLU B 567 7.51 23.27 16.94
N GLY B 568 6.55 23.17 17.86
CA GLY B 568 6.79 23.51 19.24
C GLY B 568 6.87 22.31 20.17
N LYS B 569 5.99 22.27 21.18
CA LYS B 569 6.04 21.21 22.17
C LYS B 569 5.67 19.86 21.55
N ASN B 570 4.47 19.75 20.99
CA ASN B 570 3.99 18.50 20.42
C ASN B 570 3.63 18.60 18.96
N HIS B 571 3.03 19.70 18.53
CA HIS B 571 2.67 19.90 17.14
C HIS B 571 3.91 20.22 16.30
N MET B 572 3.98 19.64 15.11
CA MET B 572 5.04 19.97 14.16
C MET B 572 4.40 20.03 12.78
N TYR B 573 4.30 21.24 12.22
CA TYR B 573 3.70 21.45 10.93
C TYR B 573 4.72 21.19 9.83
N LEU B 574 4.38 20.31 8.90
CA LEU B 574 5.27 19.97 7.79
C LEU B 574 5.04 20.99 6.67
N PHE B 575 5.87 22.03 6.64
CA PHE B 575 5.71 23.10 5.67
C PHE B 575 6.93 23.21 4.76
N GLU B 576 7.26 22.12 4.06
CA GLU B 576 8.35 22.07 3.09
C GLU B 576 9.67 22.47 3.75
N GLY B 577 10.15 21.58 4.62
CA GLY B 577 11.38 21.80 5.33
C GLY B 577 12.14 20.51 5.55
N LYS B 578 13.41 20.65 5.94
CA LYS B 578 14.28 19.51 6.18
C LYS B 578 14.24 19.14 7.67
N ASP B 579 14.12 17.85 7.94
CA ASP B 579 13.99 17.34 9.30
C ASP B 579 14.79 16.05 9.43
N TYR B 580 15.71 16.02 10.39
CA TYR B 580 16.57 14.86 10.61
C TYR B 580 16.80 14.66 12.10
N SER B 581 17.45 13.55 12.43
CA SER B 581 17.83 13.24 13.81
C SER B 581 19.15 12.48 13.79
N LYS B 582 19.82 12.45 14.95
CA LYS B 582 21.18 11.92 15.02
C LYS B 582 21.42 10.97 16.20
N GLU B 583 20.37 10.55 16.92
CA GLU B 583 20.40 9.63 18.06
C GLU B 583 21.65 9.79 18.93
N PRO B 584 21.88 10.98 19.50
CA PRO B 584 23.22 11.25 20.08
C PRO B 584 23.54 10.42 21.33
N SER B 585 22.56 10.16 22.20
CA SER B 585 22.84 9.63 23.53
C SER B 585 22.84 8.10 23.58
N LYS B 586 23.64 7.47 22.71
CA LYS B 586 23.69 6.02 22.62
C LYS B 586 24.39 5.36 23.81
N GLU B 587 25.03 6.14 24.68
CA GLU B 587 25.70 5.57 25.84
C GLU B 587 24.71 4.86 26.76
N ASP B 588 23.46 5.35 26.81
CA ASP B 588 22.43 4.65 27.56
C ASP B 588 22.12 3.29 26.95
N ARG B 589 22.09 3.23 25.61
CA ARG B 589 21.93 1.95 24.92
C ARG B 589 23.05 0.99 25.30
N LYS B 590 24.30 1.47 25.27
CA LYS B 590 25.42 0.60 25.62
C LYS B 590 25.33 0.16 27.08
N SER B 591 24.90 1.05 27.97
CA SER B 591 24.79 0.71 29.38
C SER B 591 23.75 -0.38 29.61
N PHE B 592 22.55 -0.22 29.03
CA PHE B 592 21.53 -1.25 29.18
C PHE B 592 21.93 -2.54 28.48
N GLU B 593 22.69 -2.45 27.39
CA GLU B 593 23.22 -3.64 26.74
C GLU B 593 24.12 -4.42 27.67
N GLN B 594 25.07 -3.73 28.33
CA GLN B 594 25.93 -4.39 29.30
C GLN B 594 25.12 -4.95 30.47
N LEU B 595 24.11 -4.20 30.92
CA LEU B 595 23.32 -4.63 32.06
C LEU B 595 22.54 -5.90 31.77
N VAL B 596 22.00 -6.03 30.55
CA VAL B 596 21.30 -7.27 30.21
C VAL B 596 22.30 -8.38 29.89
N ASN B 597 23.50 -8.02 29.42
CA ASN B 597 24.54 -9.02 29.24
C ASN B 597 25.01 -9.59 30.57
N LEU B 598 24.84 -8.84 31.66
CA LEU B 598 25.15 -9.38 32.98
C LEU B 598 24.32 -10.62 33.28
N GLN B 599 23.01 -10.55 33.09
CA GLN B 599 22.13 -11.70 33.31
C GLN B 599 22.33 -12.75 32.22
N LEU B 640 -1.64 -38.12 59.92
CA LEU B 640 -2.71 -38.74 60.69
C LEU B 640 -4.06 -38.55 60.00
N GLU B 641 -4.45 -37.30 59.79
CA GLU B 641 -5.73 -37.03 59.15
C GLU B 641 -5.73 -37.43 57.69
N ASP B 642 -4.57 -37.36 57.02
CA ASP B 642 -4.49 -37.76 55.63
C ASP B 642 -4.73 -39.26 55.45
N ARG B 643 -4.52 -40.06 56.51
CA ARG B 643 -4.87 -41.48 56.44
C ARG B 643 -6.38 -41.66 56.29
N GLN B 644 -7.15 -40.98 57.14
CA GLN B 644 -8.60 -41.00 57.00
C GLN B 644 -9.03 -40.40 55.67
N LYS B 645 -8.32 -39.37 55.20
CA LYS B 645 -8.61 -38.79 53.89
C LYS B 645 -8.41 -39.83 52.79
N LYS B 646 -7.34 -40.61 52.87
CA LYS B 646 -7.07 -41.64 51.87
C LYS B 646 -8.14 -42.71 51.87
N ARG B 647 -8.53 -43.19 53.06
CA ARG B 647 -9.57 -44.20 53.13
C ARG B 647 -10.91 -43.66 52.62
N GLN B 648 -11.23 -42.41 52.98
CA GLN B 648 -12.46 -41.80 52.53
C GLN B 648 -12.47 -41.64 51.01
N GLU B 649 -11.36 -41.22 50.42
CA GLU B 649 -11.30 -41.07 48.97
C GLU B 649 -11.32 -42.41 48.27
N ALA B 650 -10.77 -43.45 48.89
CA ALA B 650 -10.90 -44.80 48.33
C ALA B 650 -12.35 -45.23 48.28
N ALA B 651 -13.08 -45.02 49.38
CA ALA B 651 -14.51 -45.34 49.39
C ALA B 651 -15.27 -44.52 48.35
N ALA B 652 -14.92 -43.24 48.22
CA ALA B 652 -15.60 -42.36 47.26
C ALA B 652 -15.35 -42.82 45.83
N LYS B 653 -14.10 -43.15 45.51
CA LYS B 653 -13.80 -43.64 44.16
C LYS B 653 -14.45 -44.99 43.91
N ARG B 654 -14.62 -45.81 44.94
CA ARG B 654 -15.35 -47.07 44.76
C ARG B 654 -16.81 -46.81 44.41
N ARG B 655 -17.46 -45.90 45.16
CA ARG B 655 -18.82 -45.50 44.82
C ARG B 655 -18.89 -44.95 43.40
N ARG B 656 -17.89 -44.16 43.01
CA ARG B 656 -17.88 -43.59 41.66
C ARG B 656 -17.74 -44.68 40.59
N LEU B 657 -16.90 -45.69 40.85
CA LEU B 657 -16.79 -46.82 39.95
C LEU B 657 -18.14 -47.52 39.79
N ILE B 658 -18.82 -47.76 40.90
CA ILE B 658 -20.11 -48.45 40.85
C ILE B 658 -21.10 -47.65 40.02
N GLU B 659 -21.20 -46.34 40.30
CA GLU B 659 -22.17 -45.52 39.59
C GLU B 659 -21.81 -45.34 38.11
N GLU B 660 -20.51 -45.29 37.79
CA GLU B 660 -20.10 -45.19 36.40
C GLU B 660 -20.45 -46.47 35.64
N LYS B 661 -20.24 -47.62 36.26
CA LYS B 661 -20.65 -48.87 35.62
C LYS B 661 -22.16 -48.92 35.44
N LYS B 662 -22.91 -48.42 36.43
CA LYS B 662 -24.37 -48.35 36.30
C LYS B 662 -24.77 -47.49 35.10
N ARG B 663 -24.17 -46.31 34.96
CA ARG B 663 -24.50 -45.44 33.85
C ARG B 663 -24.10 -46.05 32.52
N GLN B 664 -22.95 -46.72 32.47
CA GLN B 664 -22.48 -47.31 31.22
C GLN B 664 -23.41 -48.42 30.77
N LYS B 665 -23.80 -49.31 31.69
CA LYS B 665 -24.66 -50.43 31.33
C LYS B 665 -26.15 -50.09 31.37
N GLU B 666 -26.50 -48.84 31.69
CA GLU B 666 -27.88 -48.40 31.50
C GLU B 666 -28.21 -48.35 30.01
N GLU B 667 -27.44 -47.57 29.26
CA GLU B 667 -27.51 -47.54 27.80
C GLU B 667 -26.24 -46.87 27.30
N ALA B 668 -26.17 -46.61 25.98
CA ALA B 668 -24.99 -46.00 25.37
C ALA B 668 -24.93 -44.53 25.76
N GLU B 669 -24.37 -44.27 26.93
CA GLU B 669 -24.23 -42.92 27.48
C GLU B 669 -22.76 -42.63 27.70
N HIS B 670 -22.24 -41.60 27.03
CA HIS B 670 -20.80 -41.35 27.03
C HIS B 670 -20.53 -39.89 26.74
N LYS B 671 -19.33 -39.45 27.12
CA LYS B 671 -18.82 -38.12 26.81
C LYS B 671 -17.95 -38.19 25.56
N LYS B 672 -17.36 -37.05 25.19
CA LYS B 672 -16.42 -36.98 24.10
C LYS B 672 -15.16 -36.17 24.41
N LYS B 673 -15.23 -35.23 25.34
CA LYS B 673 -14.08 -34.42 25.74
C LYS B 673 -13.78 -34.67 27.22
N MET B 674 -12.49 -34.70 27.55
CA MET B 674 -12.06 -34.90 28.92
C MET B 674 -10.90 -33.95 29.22
N ALA B 675 -10.81 -33.54 30.48
CA ALA B 675 -9.81 -32.57 30.92
C ALA B 675 -8.39 -33.07 30.67
N TRP B 676 -7.99 -34.11 31.40
CA TRP B 676 -6.67 -34.70 31.25
C TRP B 676 -6.81 -36.00 30.46
N TRP B 677 -6.38 -35.98 29.19
CA TRP B 677 -6.48 -37.14 28.31
C TRP B 677 -5.16 -37.54 27.68
N GLU B 678 -4.15 -36.66 27.68
CA GLU B 678 -2.85 -37.00 27.09
C GLU B 678 -1.72 -36.79 28.10
N THR B 715 -3.23 -18.30 13.21
CA THR B 715 -2.87 -17.11 13.98
C THR B 715 -3.71 -15.91 13.58
N SER B 716 -4.52 -16.08 12.53
CA SER B 716 -5.33 -15.01 11.98
C SER B 716 -6.80 -15.40 12.08
N LEU B 717 -7.58 -14.60 12.82
CA LEU B 717 -9.02 -14.84 12.98
C LEU B 717 -9.77 -14.19 11.82
N LYS B 718 -9.66 -14.83 10.67
CA LYS B 718 -10.33 -14.32 9.48
C LYS B 718 -11.84 -14.57 9.59
N TYR B 719 -12.62 -13.51 9.41
CA TYR B 719 -14.07 -13.60 9.47
C TYR B 719 -14.63 -13.96 8.10
N VAL B 720 -15.91 -14.33 8.07
CA VAL B 720 -16.57 -14.72 6.83
C VAL B 720 -18.06 -14.39 6.95
N SER B 721 -18.71 -14.26 5.80
CA SER B 721 -20.13 -13.91 5.71
C SER B 721 -20.92 -15.10 5.20
N GLY B 722 -22.01 -15.41 5.87
CA GLY B 722 -22.89 -16.50 5.49
C GLY B 722 -23.52 -17.12 6.73
N ASP B 723 -23.72 -18.43 6.68
CA ASP B 723 -24.25 -19.17 7.81
C ASP B 723 -23.29 -20.30 8.14
N VAL B 724 -22.94 -20.42 9.42
CA VAL B 724 -21.93 -21.39 9.86
C VAL B 724 -22.33 -22.82 9.51
N THR B 725 -23.61 -23.05 9.20
CA THR B 725 -24.06 -24.39 8.86
C THR B 725 -23.53 -24.88 7.53
N HIS B 726 -23.03 -23.98 6.68
CA HIS B 726 -22.44 -24.34 5.39
C HIS B 726 -20.98 -23.90 5.39
N PRO B 727 -20.10 -24.62 6.07
CA PRO B 727 -18.69 -24.22 6.14
C PRO B 727 -17.91 -24.71 4.92
N GLN B 728 -17.38 -23.75 4.16
CA GLN B 728 -16.59 -24.07 2.97
C GLN B 728 -15.14 -23.61 3.10
N ALA B 729 -14.71 -23.20 4.29
CA ALA B 729 -13.36 -22.70 4.49
C ALA B 729 -12.35 -23.82 4.27
N GLY B 730 -11.62 -23.77 3.16
CA GLY B 730 -10.62 -24.77 2.86
C GLY B 730 -11.15 -26.14 2.51
N ALA B 731 -12.46 -26.28 2.32
CA ALA B 731 -13.09 -27.58 2.06
C ALA B 731 -12.67 -28.60 3.11
N GLU B 732 -12.40 -29.83 2.67
CA GLU B 732 -11.92 -30.89 3.54
C GLU B 732 -12.84 -31.08 4.74
N ASP B 733 -12.26 -31.23 5.93
CA ASP B 733 -13.05 -31.34 7.15
C ASP B 733 -13.41 -29.94 7.66
N ALA B 734 -14.54 -29.86 8.36
CA ALA B 734 -15.03 -28.59 8.86
C ALA B 734 -15.70 -28.81 10.21
N LEU B 735 -15.15 -28.21 11.25
CA LEU B 735 -15.64 -28.38 12.62
C LEU B 735 -16.48 -27.17 12.98
N ILE B 736 -17.81 -27.35 12.98
CA ILE B 736 -18.74 -26.30 13.36
C ILE B 736 -18.91 -26.32 14.87
N VAL B 737 -19.03 -25.14 15.48
CA VAL B 737 -19.08 -25.00 16.93
C VAL B 737 -20.37 -24.27 17.31
N HIS B 738 -21.00 -24.73 18.40
CA HIS B 738 -22.21 -24.10 18.94
C HIS B 738 -22.15 -24.17 20.46
N CYS B 739 -22.91 -23.29 21.11
CA CYS B 739 -22.93 -23.20 22.57
C CYS B 739 -24.34 -23.42 23.09
N VAL B 740 -24.48 -24.30 24.08
CA VAL B 740 -25.78 -24.66 24.66
C VAL B 740 -25.66 -24.78 26.18
N ASP B 741 -26.77 -25.17 26.81
CA ASP B 741 -26.83 -25.52 28.23
C ASP B 741 -27.46 -26.89 28.42
N ASP B 742 -27.37 -27.39 29.65
CA ASP B 742 -27.96 -28.66 30.01
C ASP B 742 -29.44 -28.69 29.68
N SER B 743 -29.83 -29.76 28.97
CA SER B 743 -31.23 -30.05 28.68
C SER B 743 -31.88 -28.95 27.85
N GLY B 744 -31.16 -28.44 26.83
CA GLY B 744 -31.76 -27.48 25.93
C GLY B 744 -32.82 -28.10 25.03
N HIS B 745 -32.57 -29.34 24.59
CA HIS B 745 -33.36 -30.09 23.58
C HIS B 745 -33.84 -29.14 22.49
N TRP B 746 -35.11 -29.14 22.10
CA TRP B 746 -35.57 -28.42 20.93
C TRP B 746 -36.10 -27.05 21.34
N GLY B 747 -35.66 -26.00 20.65
CA GLY B 747 -36.14 -24.69 21.00
C GLY B 747 -35.48 -23.59 20.20
N ARG B 748 -35.97 -22.36 20.44
CA ARG B 748 -35.49 -21.10 19.85
C ARG B 748 -35.57 -21.23 18.33
N GLY B 749 -34.54 -20.81 17.60
CA GLY B 749 -34.53 -20.88 16.14
C GLY B 749 -33.12 -20.70 15.61
N GLY B 750 -32.94 -19.75 14.69
CA GLY B 750 -31.61 -19.31 14.30
C GLY B 750 -30.71 -20.45 13.85
N LEU B 751 -29.55 -20.58 14.52
CA LEU B 751 -28.56 -21.55 14.10
C LEU B 751 -29.06 -22.97 14.37
N PHE B 752 -29.83 -23.14 15.44
CA PHE B 752 -30.46 -24.42 15.74
C PHE B 752 -31.38 -24.86 14.60
N THR B 753 -32.25 -23.97 14.14
CA THR B 753 -33.12 -24.31 13.01
C THR B 753 -32.30 -24.63 11.76
N ALA B 754 -31.25 -23.85 11.52
CA ALA B 754 -30.43 -24.07 10.34
C ALA B 754 -29.80 -25.44 10.34
N LEU B 755 -29.25 -25.87 11.49
CA LEU B 755 -28.65 -27.20 11.57
C LEU B 755 -29.72 -28.29 11.52
N GLU B 756 -30.91 -28.02 12.06
CA GLU B 756 -32.04 -28.92 11.82
C GLU B 756 -32.19 -29.18 10.34
N LYS B 757 -32.22 -28.11 9.54
CA LYS B 757 -32.31 -28.28 8.09
C LYS B 757 -31.15 -29.10 7.55
N ARG B 758 -30.05 -29.20 8.30
CA ARG B 758 -28.87 -29.93 7.84
C ARG B 758 -28.85 -31.31 8.49
N SER B 759 -29.77 -32.15 8.00
CA SER B 759 -29.94 -33.57 8.32
C SER B 759 -30.52 -33.82 9.71
N ALA B 760 -30.75 -32.78 10.52
CA ALA B 760 -31.37 -32.91 11.84
C ALA B 760 -30.63 -33.93 12.71
N GLU B 761 -29.31 -33.78 12.77
CA GLU B 761 -28.44 -34.64 13.55
C GLU B 761 -28.28 -34.15 14.99
N PRO B 762 -27.96 -32.87 15.22
CA PRO B 762 -27.81 -32.42 16.61
C PRO B 762 -29.07 -32.54 17.42
N ARG B 763 -30.24 -32.37 16.81
CA ARG B 763 -31.49 -32.47 17.56
C ARG B 763 -31.62 -33.84 18.22
N LYS B 764 -31.49 -34.90 17.43
CA LYS B 764 -31.63 -36.25 18.00
C LYS B 764 -30.48 -36.58 18.93
N ILE B 765 -29.25 -36.23 18.57
CA ILE B 765 -28.10 -36.60 19.41
C ILE B 765 -28.17 -35.89 20.75
N TYR B 766 -28.46 -34.58 20.73
CA TYR B 766 -28.69 -33.85 21.97
C TYR B 766 -29.84 -34.48 22.76
N GLU B 767 -31.03 -34.56 22.16
CA GLU B 767 -32.17 -35.20 22.80
C GLU B 767 -31.78 -36.46 23.56
N LEU B 768 -30.96 -37.31 22.93
CA LEU B 768 -30.39 -38.46 23.63
C LEU B 768 -29.62 -38.02 24.87
N ALA B 769 -28.62 -37.15 24.67
CA ALA B 769 -27.73 -36.79 25.77
C ALA B 769 -28.49 -36.15 26.94
N GLY B 770 -29.50 -35.33 26.62
CA GLY B 770 -30.33 -34.68 27.62
C GLY B 770 -31.33 -35.60 28.30
N LYS B 771 -31.73 -36.68 27.64
CA LYS B 771 -32.55 -37.68 28.30
C LYS B 771 -31.84 -38.26 29.53
N MET B 772 -30.53 -38.42 29.44
CA MET B 772 -29.76 -39.24 30.37
C MET B 772 -28.85 -38.43 31.29
N LYS B 773 -28.99 -37.10 31.32
CA LYS B 773 -28.16 -36.24 32.15
C LYS B 773 -26.67 -36.48 31.85
N ASP B 774 -26.30 -36.20 30.60
CA ASP B 774 -24.99 -36.56 30.07
C ASP B 774 -24.20 -35.33 29.64
N LEU B 775 -24.30 -34.26 30.41
CA LEU B 775 -23.43 -33.11 30.18
C LEU B 775 -23.43 -32.24 31.43
N SER B 776 -22.46 -31.34 31.47
CA SER B 776 -22.29 -30.36 32.53
C SER B 776 -21.43 -29.23 31.96
N LEU B 777 -21.00 -28.32 32.83
CA LEU B 777 -20.17 -27.20 32.38
C LEU B 777 -18.94 -27.70 31.61
N GLY B 778 -18.94 -27.52 30.30
CA GLY B 778 -17.91 -28.05 29.43
C GLY B 778 -18.37 -29.27 28.66
N GLY B 779 -17.45 -29.81 27.87
CA GLY B 779 -17.73 -31.02 27.13
C GLY B 779 -18.56 -30.80 25.87
N VAL B 780 -18.24 -31.54 24.81
CA VAL B 780 -18.84 -31.34 23.50
C VAL B 780 -18.98 -32.69 22.81
N LEU B 781 -20.11 -32.92 22.15
CA LEU B 781 -20.30 -34.09 21.30
C LEU B 781 -19.88 -33.79 19.87
N LEU B 782 -19.29 -34.77 19.20
CA LEU B 782 -18.88 -34.65 17.81
C LEU B 782 -19.69 -35.63 16.96
N PHE B 783 -20.15 -35.15 15.80
CA PHE B 783 -20.97 -35.97 14.91
C PHE B 783 -21.15 -35.30 13.55
N PRO B 784 -21.30 -36.08 12.47
CA PRO B 784 -21.38 -35.48 11.12
C PRO B 784 -22.80 -35.32 10.62
N VAL B 785 -22.96 -34.58 9.52
CA VAL B 785 -24.24 -34.36 8.87
C VAL B 785 -24.12 -34.74 7.40
N ASP B 786 -25.18 -35.34 6.86
CA ASP B 786 -25.22 -35.77 5.46
C ASP B 786 -23.96 -36.50 5.05
N ASP B 787 -23.45 -36.20 3.85
CA ASP B 787 -22.24 -36.83 3.35
C ASP B 787 -21.62 -35.93 2.29
N LYS B 788 -20.36 -36.21 1.96
CA LYS B 788 -19.62 -35.44 0.96
C LYS B 788 -19.05 -36.42 -0.06
N GLU B 789 -19.47 -36.26 -1.32
CA GLU B 789 -18.98 -37.10 -2.41
C GLU B 789 -17.67 -36.57 -3.01
N SER B 790 -17.42 -35.26 -2.89
CA SER B 790 -16.17 -34.70 -3.43
C SER B 790 -14.95 -35.33 -2.77
N ARG B 791 -14.95 -35.38 -1.43
CA ARG B 791 -13.87 -36.03 -0.68
C ARG B 791 -14.47 -36.71 0.53
N ASN B 792 -14.36 -38.04 0.57
CA ASN B 792 -14.89 -38.81 1.70
C ASN B 792 -14.15 -38.52 3.00
N LYS B 793 -12.90 -38.06 2.92
CA LYS B 793 -12.15 -37.72 4.12
C LYS B 793 -12.66 -36.44 4.77
N GLY B 794 -13.35 -35.58 4.02
CA GLY B 794 -13.85 -34.32 4.54
C GLY B 794 -15.31 -34.42 4.91
N GLN B 795 -15.61 -34.00 6.14
CA GLN B 795 -16.97 -33.98 6.66
C GLN B 795 -17.17 -32.73 7.50
N ASP B 796 -18.41 -32.25 7.52
CA ASP B 796 -18.76 -31.10 8.36
C ASP B 796 -18.97 -31.60 9.78
N LEU B 797 -17.93 -31.50 10.60
CA LEU B 797 -18.02 -31.86 12.01
C LEU B 797 -18.75 -30.77 12.79
N LEU B 798 -19.34 -31.17 13.91
CA LEU B 798 -20.18 -30.28 14.70
C LEU B 798 -19.70 -30.25 16.15
N ALA B 799 -20.20 -29.26 16.88
CA ALA B 799 -19.84 -29.07 18.28
C ALA B 799 -20.94 -28.32 18.99
N LEU B 800 -21.25 -28.76 20.22
CA LEU B 800 -22.27 -28.13 21.06
C LEU B 800 -21.66 -27.91 22.45
N ILE B 801 -21.08 -26.72 22.64
CA ILE B 801 -20.43 -26.39 23.90
C ILE B 801 -21.49 -26.13 24.97
N VAL B 802 -21.20 -26.53 26.20
CA VAL B 802 -22.09 -26.23 27.31
C VAL B 802 -21.47 -25.18 28.22
N ALA B 803 -21.92 -23.95 28.07
CA ALA B 803 -21.42 -22.83 28.85
C ALA B 803 -22.48 -22.11 29.66
N GLN B 804 -23.76 -22.40 29.45
CA GLN B 804 -24.78 -21.69 30.22
C GLN B 804 -24.97 -22.32 31.61
N HIS B 805 -25.67 -21.58 32.47
CA HIS B 805 -25.75 -21.91 33.88
C HIS B 805 -26.70 -23.08 34.12
N ARG B 806 -26.29 -24.01 34.99
CA ARG B 806 -27.10 -25.20 35.27
C ARG B 806 -28.12 -24.95 36.39
N ASP B 807 -28.72 -23.77 36.45
CA ASP B 807 -29.78 -23.49 37.43
C ASP B 807 -31.17 -23.84 36.90
N ARG B 808 -31.29 -24.91 36.12
CA ARG B 808 -32.56 -25.30 35.54
C ARG B 808 -33.42 -26.13 36.48
N SER B 809 -33.00 -26.31 37.73
CA SER B 809 -33.84 -27.01 38.70
C SER B 809 -35.13 -26.24 38.95
N ASN B 810 -35.01 -24.93 39.15
CA ASN B 810 -36.17 -24.04 39.22
C ASN B 810 -36.40 -23.32 37.88
N VAL B 811 -36.07 -23.99 36.78
CA VAL B 811 -36.31 -23.55 35.40
C VAL B 811 -35.80 -22.13 35.16
N LEU B 812 -34.70 -21.79 35.82
CA LEU B 812 -34.02 -20.51 35.65
C LEU B 812 -32.78 -20.68 34.78
N SER B 813 -32.35 -19.59 34.14
CA SER B 813 -31.25 -19.61 33.20
C SER B 813 -30.31 -18.44 33.44
N GLY B 814 -29.15 -18.51 32.77
CA GLY B 814 -28.09 -17.52 32.90
C GLY B 814 -26.83 -18.06 32.23
N ILE B 815 -25.87 -17.20 31.91
CA ILE B 815 -24.65 -17.64 31.21
C ILE B 815 -23.45 -17.39 32.10
N LYS B 816 -22.58 -18.40 32.21
CA LYS B 816 -21.29 -18.30 32.85
C LYS B 816 -20.20 -18.46 31.81
N MET B 817 -19.10 -17.72 31.96
CA MET B 817 -18.05 -17.70 30.96
C MET B 817 -16.81 -18.49 31.34
N ALA B 818 -16.62 -18.80 32.63
CA ALA B 818 -15.41 -19.53 33.04
C ALA B 818 -15.36 -20.92 32.43
N ALA B 819 -16.51 -21.56 32.24
CA ALA B 819 -16.53 -22.89 31.64
C ALA B 819 -16.25 -22.83 30.14
N LEU B 820 -16.55 -21.71 29.50
CA LEU B 820 -16.21 -21.55 28.09
C LEU B 820 -14.71 -21.63 27.86
N GLU B 821 -13.91 -21.25 28.87
CA GLU B 821 -12.46 -21.33 28.75
C GLU B 821 -12.00 -22.77 28.61
N GLU B 822 -12.46 -23.65 29.52
CA GLU B 822 -12.07 -25.05 29.41
C GLU B 822 -12.73 -25.73 28.21
N GLY B 823 -13.91 -25.26 27.80
CA GLY B 823 -14.48 -25.75 26.55
C GLY B 823 -13.61 -25.44 25.36
N LEU B 824 -13.10 -24.20 25.29
CA LEU B 824 -12.16 -23.84 24.24
C LEU B 824 -10.88 -24.67 24.35
N LYS B 825 -10.42 -24.94 25.59
CA LYS B 825 -9.26 -25.78 25.79
C LYS B 825 -9.44 -27.16 25.14
N LYS B 826 -10.56 -27.82 25.47
CA LYS B 826 -10.76 -29.18 24.97
C LYS B 826 -11.06 -29.19 23.46
N ILE B 827 -11.78 -28.19 22.95
CA ILE B 827 -12.02 -28.19 21.51
C ILE B 827 -10.72 -27.86 20.75
N PHE B 828 -9.82 -27.08 21.35
CA PHE B 828 -8.52 -26.87 20.73
C PHE B 828 -7.70 -28.14 20.75
N LEU B 829 -7.74 -28.89 21.86
CA LEU B 829 -7.10 -30.19 21.90
C LEU B 829 -7.59 -31.08 20.77
N ALA B 830 -8.91 -31.17 20.62
CA ALA B 830 -9.48 -32.03 19.59
C ALA B 830 -9.13 -31.54 18.18
N ALA B 831 -9.16 -30.22 17.96
CA ALA B 831 -8.85 -29.67 16.66
C ALA B 831 -7.36 -29.73 16.34
N LYS B 832 -6.52 -29.88 17.36
CA LYS B 832 -5.10 -30.13 17.12
C LYS B 832 -4.86 -31.60 16.81
N LYS B 833 -5.58 -32.50 17.47
CA LYS B 833 -5.49 -33.92 17.14
C LYS B 833 -5.94 -34.17 15.70
N LYS B 834 -7.16 -33.76 15.37
CA LYS B 834 -7.71 -34.01 14.05
C LYS B 834 -7.20 -33.03 12.99
N LYS B 835 -6.73 -31.85 13.41
CA LYS B 835 -6.21 -30.83 12.50
C LYS B 835 -7.24 -30.48 11.42
N ALA B 836 -8.42 -30.10 11.87
CA ALA B 836 -9.52 -29.70 11.00
C ALA B 836 -9.88 -28.24 11.24
N SER B 837 -10.56 -27.66 10.25
CA SER B 837 -10.95 -26.25 10.33
C SER B 837 -12.05 -26.07 11.37
N VAL B 838 -11.93 -25.00 12.15
CA VAL B 838 -12.91 -24.69 13.20
C VAL B 838 -13.76 -23.52 12.74
N HIS B 839 -15.06 -23.62 13.00
CA HIS B 839 -16.03 -22.61 12.55
C HIS B 839 -16.94 -22.26 13.71
N LEU B 840 -17.05 -20.96 14.00
CA LEU B 840 -17.80 -20.47 15.15
C LEU B 840 -18.85 -19.46 14.73
N PRO B 841 -19.91 -19.29 15.53
CA PRO B 841 -20.95 -18.32 15.19
C PRO B 841 -20.65 -16.91 15.67
N ARG B 842 -21.57 -15.99 15.40
CA ARG B 842 -21.38 -14.60 15.82
C ARG B 842 -21.38 -14.48 17.35
N ILE B 843 -22.23 -15.25 18.02
CA ILE B 843 -22.39 -15.23 19.48
C ILE B 843 -22.72 -13.80 19.91
N GLY B 844 -23.69 -13.19 19.24
CA GLY B 844 -24.13 -11.84 19.54
C GLY B 844 -25.63 -11.81 19.75
N HIS B 845 -26.24 -10.74 19.22
CA HIS B 845 -27.70 -10.55 19.26
C HIS B 845 -28.23 -10.48 20.69
N ALA B 846 -27.43 -9.93 21.61
CA ALA B 846 -27.83 -9.72 22.99
C ALA B 846 -26.80 -8.80 23.63
N THR B 847 -27.02 -8.47 24.91
CA THR B 847 -26.08 -7.67 25.69
C THR B 847 -24.96 -8.59 26.17
N LYS B 848 -24.11 -8.98 25.22
CA LYS B 848 -23.05 -9.96 25.45
C LYS B 848 -21.70 -9.43 24.99
N GLY B 849 -21.51 -8.11 25.06
CA GLY B 849 -20.28 -7.51 24.58
C GLY B 849 -19.07 -7.87 25.41
N PHE B 850 -19.24 -7.95 26.73
CA PHE B 850 -18.16 -8.39 27.60
C PHE B 850 -17.70 -9.80 27.22
N ASN B 851 -18.63 -10.74 27.16
CA ASN B 851 -18.24 -12.09 26.79
C ASN B 851 -17.91 -12.18 25.31
N TRP B 852 -18.40 -11.26 24.48
CA TRP B 852 -17.99 -11.36 23.07
C TRP B 852 -16.56 -10.87 22.89
N TYR B 853 -16.20 -9.77 23.54
CA TYR B 853 -14.81 -9.34 23.60
C TYR B 853 -13.92 -10.45 24.14
N GLY B 854 -14.23 -10.92 25.36
CA GLY B 854 -13.41 -11.97 25.95
C GLY B 854 -13.44 -13.27 25.16
N THR B 855 -14.53 -13.51 24.44
CA THR B 855 -14.69 -14.76 23.71
C THR B 855 -13.90 -14.75 22.42
N GLU B 856 -13.92 -13.62 21.71
CA GLU B 856 -13.02 -13.45 20.58
C GLU B 856 -11.56 -13.53 21.02
N ARG B 857 -11.22 -12.86 22.12
CA ARG B 857 -9.83 -12.91 22.58
C ARG B 857 -9.44 -14.31 23.06
N LEU B 858 -10.39 -15.05 23.66
CA LEU B 858 -10.11 -16.41 24.11
C LEU B 858 -10.07 -17.40 22.95
N ILE B 859 -10.89 -17.17 21.92
CA ILE B 859 -10.80 -17.96 20.69
C ILE B 859 -9.43 -17.76 20.07
N ARG B 860 -8.93 -16.53 20.07
CA ARG B 860 -7.57 -16.30 19.58
C ARG B 860 -6.55 -16.99 20.48
N LYS B 861 -6.70 -16.86 21.80
CA LYS B 861 -5.73 -17.39 22.74
C LYS B 861 -5.65 -18.92 22.66
N HIS B 862 -6.78 -19.58 22.45
CA HIS B 862 -6.82 -21.03 22.49
C HIS B 862 -6.86 -21.69 21.12
N LEU B 863 -7.43 -21.03 20.10
CA LEU B 863 -7.52 -21.61 18.77
C LEU B 863 -6.59 -20.93 17.78
N ALA B 864 -6.75 -19.62 17.55
CA ALA B 864 -5.98 -18.93 16.52
C ALA B 864 -4.50 -18.88 16.89
N ALA B 865 -4.17 -18.20 17.99
CA ALA B 865 -2.78 -18.01 18.37
C ALA B 865 -2.08 -19.30 18.78
N ARG B 866 -2.77 -20.45 18.76
CA ARG B 866 -2.14 -21.74 19.00
C ARG B 866 -2.15 -22.62 17.76
N GLY B 867 -2.28 -22.01 16.58
CA GLY B 867 -2.11 -22.72 15.32
C GLY B 867 -3.27 -23.58 14.89
N ILE B 868 -4.48 -23.01 14.88
CA ILE B 868 -5.67 -23.73 14.43
C ILE B 868 -6.44 -22.86 13.44
N PRO B 869 -6.78 -23.38 12.26
CA PRO B 869 -7.54 -22.56 11.29
C PRO B 869 -8.94 -22.24 11.76
N THR B 870 -9.10 -21.06 12.35
CA THR B 870 -10.38 -20.63 12.93
C THR B 870 -11.09 -19.66 11.99
N TYR B 871 -12.41 -19.81 11.90
CA TYR B 871 -13.23 -18.95 11.06
C TYR B 871 -14.50 -18.58 11.83
N ILE B 872 -14.80 -17.29 11.90
CA ILE B 872 -15.99 -16.78 12.57
C ILE B 872 -16.99 -16.33 11.51
N TYR B 873 -18.21 -16.85 11.59
CA TYR B 873 -19.21 -16.65 10.55
C TYR B 873 -20.18 -15.54 10.94
N TYR B 874 -20.44 -14.64 10.00
CA TYR B 874 -21.34 -13.51 10.17
C TYR B 874 -22.46 -13.58 9.14
N PHE B 875 -23.52 -12.81 9.40
CA PHE B 875 -24.70 -12.73 8.52
C PHE B 875 -25.42 -14.06 8.38
#